data_2P4N
#
_entry.id   2P4N
#
loop_
_entity.id
_entity.type
_entity.pdbx_description
1 polymer 'Kinesin heavy chain'
2 polymer 'Tubulin alpha chain'
3 polymer 'Tubulin beta chain'
4 non-polymer 'MAGNESIUM ION'
5 non-polymer "ADENOSINE-5'-DIPHOSPHATE"
6 non-polymer 'ZINC ION'
7 non-polymer "GUANOSINE-5'-TRIPHOSPHATE"
8 non-polymer "GUANOSINE-5'-DIPHOSPHATE"
9 non-polymer TAXOL
#
loop_
_entity_poly.entity_id
_entity_poly.type
_entity_poly.pdbx_seq_one_letter_code
_entity_poly.pdbx_strand_id
1 'polypeptide(L)'
;MADLAECNIKVMCRFRPLNESEVNRGDKYIAKFQGEDTVVIASKPYAFDRVFQSSTSQEQVYNDCAKKIVKDVLEGYNGT
IFAYGQTSSGKTHTMEGKLHDPEGMGIIPRIVQDIFNYIYSMDENLEFHIKVSYFEIYLDKIRDLLDVSKTNLSVHEDKN
RVPYVKGCTERFVCSPDEVMDTIDEGKSNRHVAVTNMNEHSSRSHSIFLINVKQENTQTEQKLSGKLYLVDLAGSEKVSK
TGAEGAVLDEAKNINKSLSALGNVISALAEGSTYVPYRDSKMTRILQDSLGGNCRTTIVICCSPSSYNESETKSTLLFGQ
RAKTI
;
K
2 'polypeptide(L)'
;MRECISIHVGQAGVQIGNACWELYCLEHGIQPDGQMPSDKTIGGGDDSFNTFFSETGAGKHVPRAVFVDLEPTVIDEVRT
GTYRQLFHPEQLITGKEDAANNYARGHYTIGKEIIDLVLDRIRKLADQCTGLQGFSVFHSFGGGTGSGFTSLLMERLSVD
YGKKSKLEFSIYPAPQVSTAVVEPYNSILTTHTTLEHSDCAFMVDNEAIYDICRRNLDIERPTYTNLNRLIGQIVSSITA
SLRFDGALNVDLTEFQTNLVPYPRAHFPLATYAPVISAEKAYHEQLSVAEITNACFEPANQMVKCDPRHGKYMACCLLYR
GDVVPKDVNAAIATIKTKRTIQFVDWCPTGFKVGINYEPPTVVPGGDLAKVQRAVCMLSNTTAIAEAWARLDHKFDLMYA
KRAFVHWYVGEGMEEGEFSEAREDMAALEKDYEEVGVDSVEGEGEEEGEEY
;
A
3 'polypeptide(L)'
;MREIVHIQAGQCGNQIGAKFWEVISDEHGIDPTGSYHGDSDLQLERINVYYNEAAGNKYVPRAILVDLEPGTMDSVRSGP
FGQIFRPDNFVFGQSGAGNNWAKGHYTEGAELVDSVLDVVRKESESCDCLQGFQLTHSLGGGTGSGMGTLLISKIREEYP
DRIMNTFSVVPSPKVSDTVVEPYNATLSVHQLVENTDETYCIDNEALYDICFRTLKLTTPTYGDLNHLVSATMSGVTTCL
RFPGQLNADLRKLAVNMVPFPRLHFFMPGFAPLTSRGSQQYRALTVPELTQQMFDAKNMMAACDPRHGRYLTVAAVFRGR
MSMKEVDEQMLNVQNKNSSYFVEWIPNNVKTAVCDIPPRGLKMSATFIGNSTAIQELFKRISEQFTAMFRRKAFLHWYTG
EGMDEMEFTEAESNMNDLVSEYQQYQDATADEQGEFEEEGEEDEA
;
B
#
# COMPACT_ATOMS: atom_id res chain seq x y z
N ASP A 3 -21.94 -16.28 -18.42
CA ASP A 3 -22.25 -16.35 -19.88
C ASP A 3 -23.72 -16.03 -20.16
N LEU A 4 -24.58 -16.16 -19.16
CA LEU A 4 -25.99 -15.86 -19.32
C LEU A 4 -26.19 -14.38 -19.63
N ALA A 5 -25.75 -13.53 -18.71
CA ALA A 5 -25.86 -12.09 -18.87
C ALA A 5 -24.60 -11.40 -18.37
N GLU A 6 -23.75 -12.17 -17.70
CA GLU A 6 -22.49 -11.69 -17.11
C GLU A 6 -22.88 -10.74 -15.98
N CYS A 7 -22.58 -11.17 -14.75
CA CYS A 7 -22.90 -10.39 -13.57
C CYS A 7 -24.41 -10.35 -13.38
N ASN A 8 -24.96 -11.46 -12.89
CA ASN A 8 -26.39 -11.56 -12.62
C ASN A 8 -26.48 -11.23 -11.13
N ILE A 9 -25.96 -10.07 -10.76
CA ILE A 9 -25.94 -9.64 -9.38
C ILE A 9 -27.01 -8.62 -9.03
N LYS A 10 -27.90 -9.00 -8.13
CA LYS A 10 -28.94 -8.09 -7.67
C LYS A 10 -28.57 -7.68 -6.26
N VAL A 11 -28.90 -6.45 -5.92
CA VAL A 11 -28.60 -5.91 -4.61
C VAL A 11 -29.86 -5.29 -4.02
N MET A 12 -30.20 -5.73 -2.81
CA MET A 12 -31.35 -5.21 -2.11
C MET A 12 -30.82 -4.66 -0.79
N CYS A 13 -31.30 -3.48 -0.42
CA CYS A 13 -30.88 -2.84 0.82
C CYS A 13 -32.01 -3.01 1.82
N ARG A 14 -31.71 -3.58 2.98
CA ARG A 14 -32.72 -3.78 4.00
C ARG A 14 -32.43 -2.99 5.24
N PHE A 15 -33.31 -2.06 5.59
CA PHE A 15 -33.13 -1.29 6.81
C PHE A 15 -33.96 -1.99 7.88
N ARG A 16 -33.45 -1.99 9.10
CA ARG A 16 -34.15 -2.61 10.21
C ARG A 16 -34.68 -1.46 11.06
N PRO A 17 -35.56 -1.76 12.04
CA PRO A 17 -36.09 -0.72 12.90
C PRO A 17 -35.02 -0.26 13.87
N LEU A 18 -35.11 0.99 14.33
CA LEU A 18 -34.15 1.48 15.32
C LEU A 18 -34.35 0.59 16.53
N ASN A 19 -33.26 0.21 17.19
CA ASN A 19 -33.37 -0.63 18.36
C ASN A 19 -33.44 0.23 19.61
N GLU A 20 -33.80 -0.40 20.72
CA GLU A 20 -33.94 0.29 21.98
C GLU A 20 -32.66 0.99 22.43
N SER A 21 -31.51 0.42 22.10
CA SER A 21 -30.24 1.02 22.48
C SER A 21 -30.01 2.33 21.72
N GLU A 22 -30.42 2.34 20.46
CA GLU A 22 -30.26 3.52 19.62
C GLU A 22 -31.22 4.63 20.06
N VAL A 23 -32.46 4.25 20.36
CA VAL A 23 -33.46 5.18 20.83
C VAL A 23 -33.02 5.72 22.20
N ASN A 24 -32.52 4.83 23.05
CA ASN A 24 -32.06 5.18 24.38
C ASN A 24 -30.90 6.18 24.29
N ARG A 25 -30.03 5.96 23.32
CA ARG A 25 -28.88 6.84 23.10
C ARG A 25 -29.33 8.22 22.61
N GLY A 26 -30.48 8.25 21.94
CA GLY A 26 -31.01 9.50 21.40
C GLY A 26 -30.81 9.63 19.91
N ASP A 27 -30.52 8.52 19.24
CA ASP A 27 -30.29 8.51 17.79
C ASP A 27 -31.55 8.90 17.05
N LYS A 28 -31.37 9.35 15.81
CA LYS A 28 -32.50 9.72 14.99
C LYS A 28 -32.50 8.90 13.72
N TYR A 29 -33.68 8.74 13.13
CA TYR A 29 -33.84 7.97 11.90
C TYR A 29 -33.48 8.87 10.72
N ILE A 30 -32.30 8.64 10.16
CA ILE A 30 -31.80 9.45 9.05
C ILE A 30 -32.13 8.99 7.62
N ALA A 31 -32.57 7.75 7.46
CA ALA A 31 -32.89 7.23 6.14
C ALA A 31 -34.23 7.74 5.59
N LYS A 32 -34.19 8.33 4.39
CA LYS A 32 -35.39 8.83 3.73
C LYS A 32 -35.60 7.95 2.51
N PHE A 33 -36.84 7.65 2.16
CA PHE A 33 -37.10 6.77 1.02
C PHE A 33 -37.84 7.40 -0.16
N GLN A 34 -37.59 6.86 -1.34
CA GLN A 34 -38.22 7.32 -2.57
C GLN A 34 -38.36 6.12 -3.49
N GLY A 35 -39.57 5.89 -3.99
CA GLY A 35 -39.82 4.77 -4.87
C GLY A 35 -39.56 3.47 -4.11
N GLU A 36 -39.51 2.36 -4.83
CA GLU A 36 -39.26 1.07 -4.20
C GLU A 36 -37.81 0.64 -4.34
N ASP A 37 -36.94 1.57 -4.73
CA ASP A 37 -35.54 1.22 -4.94
C ASP A 37 -34.51 2.25 -4.55
N THR A 38 -34.93 3.36 -3.95
CA THR A 38 -34.01 4.41 -3.58
C THR A 38 -34.08 4.85 -2.13
N VAL A 39 -32.92 5.02 -1.53
CA VAL A 39 -32.79 5.48 -0.15
C VAL A 39 -31.91 6.74 -0.25
N VAL A 40 -32.20 7.72 0.60
CA VAL A 40 -31.47 8.97 0.61
C VAL A 40 -30.81 9.18 1.95
N ILE A 41 -29.48 9.32 1.92
CA ILE A 41 -28.69 9.55 3.13
C ILE A 41 -27.87 10.81 2.86
N ALA A 42 -27.96 11.77 3.79
CA ALA A 42 -27.23 13.04 3.68
C ALA A 42 -27.43 13.67 2.31
N SER A 43 -28.68 13.71 1.87
CA SER A 43 -29.08 14.28 0.59
C SER A 43 -28.72 13.44 -0.63
N LYS A 44 -27.77 12.53 -0.50
CA LYS A 44 -27.36 11.70 -1.64
C LYS A 44 -28.24 10.46 -1.84
N PRO A 45 -28.77 10.28 -3.06
CA PRO A 45 -29.61 9.14 -3.39
C PRO A 45 -28.80 7.90 -3.77
N TYR A 46 -29.30 6.73 -3.38
CA TYR A 46 -28.66 5.45 -3.69
C TYR A 46 -29.77 4.52 -4.13
N ALA A 47 -29.76 4.13 -5.39
CA ALA A 47 -30.77 3.23 -5.91
C ALA A 47 -30.17 1.84 -5.91
N PHE A 48 -31.04 0.84 -5.80
CA PHE A 48 -30.66 -0.57 -5.77
C PHE A 48 -31.81 -1.33 -6.40
N ASP A 49 -31.69 -2.65 -6.51
CA ASP A 49 -32.77 -3.44 -7.09
C ASP A 49 -34.03 -3.26 -6.25
N ARG A 50 -33.85 -2.98 -4.97
CA ARG A 50 -34.97 -2.76 -4.06
C ARG A 50 -34.47 -2.26 -2.72
N VAL A 51 -35.29 -1.45 -2.06
CA VAL A 51 -34.97 -0.92 -0.75
C VAL A 51 -36.16 -1.29 0.17
N PHE A 52 -35.85 -2.05 1.21
CA PHE A 52 -36.85 -2.50 2.18
C PHE A 52 -36.86 -1.60 3.39
N GLN A 53 -38.01 -1.03 3.71
CA GLN A 53 -38.11 -0.17 4.88
C GLN A 53 -38.11 -1.03 6.16
N SER A 54 -38.01 -0.38 7.31
CA SER A 54 -37.93 -1.02 8.62
C SER A 54 -38.94 -2.10 9.04
N SER A 55 -40.11 -2.15 8.41
CA SER A 55 -41.12 -3.15 8.79
C SER A 55 -41.35 -4.24 7.75
N THR A 56 -40.46 -4.33 6.77
CA THR A 56 -40.60 -5.35 5.75
C THR A 56 -40.56 -6.73 6.40
N SER A 57 -41.37 -7.64 5.91
CA SER A 57 -41.42 -8.98 6.49
C SER A 57 -40.39 -9.92 5.92
N GLN A 58 -40.12 -10.99 6.68
CA GLN A 58 -39.18 -12.01 6.27
C GLN A 58 -39.72 -12.58 4.96
N GLU A 59 -41.04 -12.68 4.85
CA GLU A 59 -41.68 -13.20 3.65
C GLU A 59 -41.42 -12.33 2.40
N GLN A 60 -41.45 -11.01 2.57
CA GLN A 60 -41.20 -10.09 1.47
C GLN A 60 -39.75 -10.23 1.01
N VAL A 61 -38.83 -10.28 1.98
CA VAL A 61 -37.40 -10.40 1.70
C VAL A 61 -37.12 -11.71 0.96
N TYR A 62 -37.77 -12.80 1.38
CA TYR A 62 -37.55 -14.08 0.71
C TYR A 62 -38.09 -14.09 -0.72
N ASN A 63 -39.30 -13.57 -0.90
CA ASN A 63 -39.93 -13.54 -2.23
C ASN A 63 -39.16 -12.69 -3.21
N ASP A 64 -38.68 -11.54 -2.74
CA ASP A 64 -37.92 -10.64 -3.61
C ASP A 64 -36.45 -11.01 -3.80
N CYS A 65 -35.83 -11.53 -2.75
CA CYS A 65 -34.42 -11.88 -2.78
C CYS A 65 -33.97 -13.32 -3.08
N ALA A 66 -34.75 -14.32 -2.67
CA ALA A 66 -34.32 -15.71 -2.86
C ALA A 66 -35.20 -16.67 -3.66
N LYS A 67 -36.51 -16.45 -3.64
CA LYS A 67 -37.46 -17.32 -4.35
C LYS A 67 -36.97 -17.79 -5.73
N LYS A 68 -36.70 -16.83 -6.63
CA LYS A 68 -36.25 -17.17 -7.98
C LYS A 68 -34.94 -17.96 -8.03
N ILE A 69 -34.00 -17.64 -7.15
CA ILE A 69 -32.72 -18.33 -7.11
C ILE A 69 -32.95 -19.81 -6.77
N VAL A 70 -33.86 -20.07 -5.83
CA VAL A 70 -34.20 -21.43 -5.43
C VAL A 70 -34.72 -22.19 -6.65
N LYS A 71 -35.52 -21.51 -7.47
CA LYS A 71 -36.05 -22.14 -8.68
C LYS A 71 -34.90 -22.49 -9.62
N ASP A 72 -33.93 -21.59 -9.73
CA ASP A 72 -32.79 -21.83 -10.61
C ASP A 72 -32.00 -23.04 -10.15
N VAL A 73 -31.79 -23.16 -8.85
CA VAL A 73 -31.04 -24.29 -8.29
C VAL A 73 -31.75 -25.60 -8.64
N LEU A 74 -33.08 -25.59 -8.53
CA LEU A 74 -33.87 -26.78 -8.85
C LEU A 74 -33.85 -26.98 -10.36
N GLU A 75 -33.58 -25.88 -11.08
CA GLU A 75 -33.49 -25.90 -12.54
C GLU A 75 -32.10 -26.42 -12.93
N GLY A 76 -31.24 -26.59 -11.93
CA GLY A 76 -29.90 -27.11 -12.18
C GLY A 76 -28.76 -26.10 -12.18
N TYR A 77 -29.04 -24.85 -11.82
CA TYR A 77 -28.01 -23.82 -11.80
C TYR A 77 -27.47 -23.53 -10.39
N ASN A 78 -26.35 -22.82 -10.32
CA ASN A 78 -25.75 -22.47 -9.04
C ASN A 78 -26.14 -21.05 -8.68
N GLY A 79 -26.00 -20.71 -7.41
CA GLY A 79 -26.36 -19.38 -6.98
C GLY A 79 -25.71 -19.05 -5.66
N THR A 80 -25.78 -17.77 -5.30
CA THR A 80 -25.21 -17.28 -4.06
C THR A 80 -26.09 -16.17 -3.54
N ILE A 81 -26.23 -16.09 -2.22
CA ILE A 81 -27.01 -15.05 -1.58
C ILE A 81 -26.17 -14.66 -0.38
N PHE A 82 -25.90 -13.35 -0.25
CA PHE A 82 -25.09 -12.81 0.84
C PHE A 82 -25.90 -11.85 1.69
N ALA A 83 -25.47 -11.68 2.94
CA ALA A 83 -26.06 -10.74 3.88
C ALA A 83 -24.81 -9.92 4.26
N TYR A 84 -24.81 -8.64 3.89
CA TYR A 84 -23.67 -7.77 4.13
C TYR A 84 -24.07 -6.60 5.02
N GLY A 85 -23.15 -6.13 5.86
CA GLY A 85 -23.46 -5.00 6.72
C GLY A 85 -22.68 -4.99 8.01
N GLN A 86 -22.77 -3.87 8.73
CA GLN A 86 -22.07 -3.76 9.99
C GLN A 86 -22.71 -4.69 11.02
N THR A 87 -22.05 -4.88 12.14
CA THR A 87 -22.54 -5.75 13.19
C THR A 87 -23.80 -5.12 13.75
N SER A 88 -24.81 -5.97 13.93
CA SER A 88 -26.13 -5.62 14.45
C SER A 88 -27.05 -5.00 13.40
N SER A 89 -26.61 -5.01 12.14
CA SER A 89 -27.38 -4.44 11.06
C SER A 89 -28.59 -5.28 10.68
N GLY A 90 -28.48 -6.59 10.86
CA GLY A 90 -29.59 -7.47 10.54
C GLY A 90 -29.24 -8.63 9.63
N LYS A 91 -27.96 -8.97 9.52
CA LYS A 91 -27.52 -10.08 8.66
C LYS A 91 -28.09 -11.45 9.05
N THR A 92 -27.91 -11.82 10.31
CA THR A 92 -28.37 -13.14 10.80
C THR A 92 -29.90 -13.22 10.82
N HIS A 93 -30.54 -12.12 11.21
CA HIS A 93 -32.00 -12.02 11.25
C HIS A 93 -32.50 -12.30 9.84
N THR A 94 -31.82 -11.73 8.86
CA THR A 94 -32.18 -11.90 7.46
C THR A 94 -31.87 -13.31 6.92
N MET A 95 -30.66 -13.83 7.15
CA MET A 95 -30.33 -15.15 6.63
C MET A 95 -31.00 -16.32 7.34
N GLU A 96 -31.21 -16.21 8.64
CA GLU A 96 -31.86 -17.31 9.36
C GLU A 96 -33.03 -16.92 10.26
N GLY A 97 -32.97 -15.76 10.89
CA GLY A 97 -34.04 -15.35 11.77
C GLY A 97 -34.35 -16.41 12.81
N LYS A 98 -35.64 -16.62 13.11
CA LYS A 98 -36.07 -17.64 14.06
C LYS A 98 -36.28 -18.90 13.24
N LEU A 99 -35.28 -19.78 13.27
CA LEU A 99 -35.29 -21.01 12.50
C LEU A 99 -36.55 -21.86 12.47
N HIS A 100 -37.33 -21.81 13.54
CA HIS A 100 -38.54 -22.62 13.60
C HIS A 100 -39.85 -21.86 13.67
N ASP A 101 -39.78 -20.55 13.64
CA ASP A 101 -40.99 -19.72 13.67
C ASP A 101 -41.41 -19.52 12.22
N PRO A 102 -42.62 -19.95 11.86
CA PRO A 102 -43.13 -19.80 10.49
C PRO A 102 -43.19 -18.35 10.00
N GLU A 103 -43.36 -17.41 10.91
CA GLU A 103 -43.42 -16.00 10.57
C GLU A 103 -42.02 -15.36 10.63
N GLY A 104 -41.31 -15.64 11.72
CA GLY A 104 -40.00 -15.07 11.95
C GLY A 104 -38.79 -15.72 11.31
N MET A 105 -38.96 -16.84 10.64
CA MET A 105 -37.83 -17.53 10.02
C MET A 105 -37.23 -16.69 8.89
N GLY A 106 -35.92 -16.80 8.69
CA GLY A 106 -35.22 -16.06 7.65
C GLY A 106 -35.16 -16.76 6.30
N ILE A 107 -34.25 -16.30 5.45
CA ILE A 107 -34.11 -16.86 4.11
C ILE A 107 -33.80 -18.35 4.05
N ILE A 108 -32.84 -18.80 4.85
CA ILE A 108 -32.47 -20.22 4.84
C ILE A 108 -33.65 -21.17 5.17
N PRO A 109 -34.36 -20.95 6.28
CA PRO A 109 -35.48 -21.85 6.59
C PRO A 109 -36.49 -21.89 5.44
N ARG A 110 -36.82 -20.71 4.91
CA ARG A 110 -37.79 -20.62 3.83
C ARG A 110 -37.34 -21.30 2.55
N ILE A 111 -36.02 -21.32 2.32
CA ILE A 111 -35.44 -21.97 1.14
C ILE A 111 -35.58 -23.49 1.25
N VAL A 112 -35.20 -24.00 2.42
CA VAL A 112 -35.26 -25.43 2.73
C VAL A 112 -36.70 -25.90 2.53
N GLN A 113 -37.61 -25.13 3.12
CA GLN A 113 -39.02 -25.38 3.05
C GLN A 113 -39.45 -25.51 1.59
N ASP A 114 -39.09 -24.53 0.77
CA ASP A 114 -39.46 -24.57 -0.64
C ASP A 114 -38.81 -25.66 -1.47
N ILE A 115 -37.61 -26.07 -1.09
CA ILE A 115 -36.95 -27.13 -1.84
C ILE A 115 -37.71 -28.42 -1.63
N PHE A 116 -37.91 -28.80 -0.37
CA PHE A 116 -38.64 -30.03 -0.09
C PHE A 116 -40.07 -30.00 -0.63
N ASN A 117 -40.78 -28.89 -0.46
CA ASN A 117 -42.15 -28.78 -0.96
C ASN A 117 -42.23 -29.03 -2.45
N TYR A 118 -41.22 -28.53 -3.17
CA TYR A 118 -41.14 -28.70 -4.60
C TYR A 118 -40.94 -30.19 -4.87
N ILE A 119 -40.01 -30.79 -4.15
CA ILE A 119 -39.68 -32.22 -4.27
C ILE A 119 -40.95 -33.07 -4.08
N TYR A 120 -41.72 -32.75 -3.05
CA TYR A 120 -42.95 -33.46 -2.74
C TYR A 120 -43.97 -33.39 -3.88
N SER A 121 -43.96 -32.28 -4.61
CA SER A 121 -44.87 -32.09 -5.74
C SER A 121 -44.34 -32.74 -7.00
N MET A 122 -43.09 -33.20 -6.94
CA MET A 122 -42.47 -33.89 -8.07
C MET A 122 -42.76 -35.36 -7.84
N ASP A 123 -41.95 -35.95 -6.94
CA ASP A 123 -42.05 -37.36 -6.53
C ASP A 123 -42.48 -38.43 -7.55
N GLU A 124 -42.52 -38.08 -8.83
CA GLU A 124 -42.94 -39.05 -9.84
C GLU A 124 -41.75 -39.79 -10.44
N ASN A 125 -41.12 -39.20 -11.44
CA ASN A 125 -39.99 -39.83 -12.11
C ASN A 125 -38.63 -39.28 -11.66
N LEU A 126 -38.65 -38.22 -10.85
CA LEU A 126 -37.43 -37.60 -10.38
C LEU A 126 -36.92 -38.16 -9.06
N GLU A 127 -35.62 -38.47 -9.02
CA GLU A 127 -34.97 -38.98 -7.83
C GLU A 127 -34.04 -37.89 -7.31
N PHE A 128 -34.36 -37.35 -6.15
CA PHE A 128 -33.56 -36.28 -5.56
C PHE A 128 -32.55 -36.74 -4.52
N HIS A 129 -31.52 -35.92 -4.34
CA HIS A 129 -30.46 -36.16 -3.37
C HIS A 129 -29.94 -34.81 -2.91
N ILE A 130 -30.20 -34.48 -1.65
CA ILE A 130 -29.77 -33.21 -1.08
C ILE A 130 -28.65 -33.42 -0.07
N LYS A 131 -27.57 -32.66 -0.23
CA LYS A 131 -26.43 -32.76 0.67
C LYS A 131 -26.13 -31.35 1.13
N VAL A 132 -25.79 -31.19 2.40
CA VAL A 132 -25.48 -29.87 2.94
C VAL A 132 -24.09 -29.85 3.54
N SER A 133 -23.53 -28.66 3.67
CA SER A 133 -22.23 -28.44 4.27
C SER A 133 -22.37 -27.13 5.02
N TYR A 134 -21.68 -27.02 6.15
CA TYR A 134 -21.76 -25.81 6.95
C TYR A 134 -20.38 -25.56 7.50
N PHE A 135 -19.78 -24.45 7.08
CA PHE A 135 -18.42 -24.09 7.53
C PHE A 135 -18.28 -22.60 7.74
N GLU A 136 -17.22 -22.20 8.44
CA GLU A 136 -16.99 -20.79 8.71
C GLU A 136 -15.58 -20.37 8.31
N ILE A 137 -15.42 -19.09 8.01
CA ILE A 137 -14.11 -18.54 7.67
C ILE A 137 -13.78 -17.46 8.68
N TYR A 138 -12.69 -17.68 9.40
CA TYR A 138 -12.20 -16.77 10.41
C TYR A 138 -10.70 -16.60 10.13
N LEU A 139 -10.25 -15.36 9.97
CA LEU A 139 -8.84 -15.08 9.68
C LEU A 139 -8.38 -15.82 8.43
N ASP A 140 -9.27 -15.89 7.45
CA ASP A 140 -9.01 -16.56 6.18
C ASP A 140 -8.65 -18.04 6.35
N LYS A 141 -9.18 -18.64 7.41
CA LYS A 141 -8.98 -20.05 7.71
C LYS A 141 -10.37 -20.68 7.76
N ILE A 142 -10.52 -21.87 7.17
CA ILE A 142 -11.80 -22.57 7.13
C ILE A 142 -11.94 -23.66 8.20
N ARG A 143 -13.04 -23.60 8.95
CA ARG A 143 -13.33 -24.62 9.96
C ARG A 143 -14.70 -25.26 9.68
N ASP A 144 -14.75 -26.58 9.77
CA ASP A 144 -15.98 -27.33 9.55
C ASP A 144 -16.86 -27.17 10.79
N LEU A 145 -18.07 -26.66 10.59
CA LEU A 145 -18.98 -26.49 11.72
C LEU A 145 -19.69 -27.79 12.08
N LEU A 146 -19.57 -28.78 11.21
CA LEU A 146 -20.16 -30.10 11.43
C LEU A 146 -19.15 -31.07 12.03
N ASP A 147 -17.89 -30.66 12.06
CA ASP A 147 -16.81 -31.47 12.63
C ASP A 147 -15.72 -30.51 13.06
N VAL A 148 -15.66 -30.22 14.36
CA VAL A 148 -14.68 -29.30 14.89
C VAL A 148 -13.21 -29.72 14.84
N SER A 149 -12.95 -30.95 14.39
CA SER A 149 -11.57 -31.43 14.25
C SER A 149 -11.02 -30.95 12.90
N LYS A 150 -11.92 -30.72 11.94
CA LYS A 150 -11.57 -30.25 10.60
C LYS A 150 -11.33 -28.74 10.64
N THR A 151 -10.13 -28.35 11.04
CA THR A 151 -9.76 -26.96 11.15
C THR A 151 -8.75 -26.58 10.05
N ASN A 152 -8.72 -25.30 9.69
CA ASN A 152 -7.82 -24.78 8.67
C ASN A 152 -7.81 -25.64 7.42
N LEU A 153 -9.00 -25.89 6.87
CA LEU A 153 -9.13 -26.70 5.66
C LEU A 153 -8.68 -25.90 4.45
N SER A 154 -8.41 -26.60 3.35
CA SER A 154 -7.93 -25.95 2.13
C SER A 154 -8.83 -26.18 0.93
N VAL A 155 -8.87 -25.18 0.04
CA VAL A 155 -9.69 -25.24 -1.16
C VAL A 155 -8.93 -25.95 -2.27
N HIS A 156 -9.63 -26.81 -2.99
CA HIS A 156 -9.04 -27.54 -4.09
C HIS A 156 -10.02 -27.58 -5.25
N GLU A 157 -9.50 -27.81 -6.44
CA GLU A 157 -10.33 -27.90 -7.62
C GLU A 157 -10.28 -29.35 -8.05
N ASP A 158 -11.43 -29.90 -8.43
CA ASP A 158 -11.50 -31.30 -8.84
C ASP A 158 -11.14 -31.51 -10.31
N LYS A 159 -11.29 -32.74 -10.76
CA LYS A 159 -11.00 -33.15 -12.13
C LYS A 159 -11.62 -32.19 -13.14
N ASN A 160 -12.83 -31.72 -12.86
CA ASN A 160 -13.53 -30.80 -13.75
C ASN A 160 -13.59 -29.35 -13.26
N ARG A 161 -12.47 -28.85 -12.73
CA ARG A 161 -12.33 -27.48 -12.25
C ARG A 161 -13.19 -27.05 -11.05
N VAL A 162 -14.29 -27.74 -10.79
CA VAL A 162 -15.17 -27.41 -9.67
C VAL A 162 -14.41 -27.39 -8.35
N PRO A 163 -14.44 -26.24 -7.64
CA PRO A 163 -13.75 -26.12 -6.36
C PRO A 163 -14.47 -26.88 -5.23
N TYR A 164 -13.76 -27.12 -4.14
CA TYR A 164 -14.31 -27.82 -2.98
C TYR A 164 -13.39 -27.64 -1.79
N VAL A 165 -13.95 -27.76 -0.59
CA VAL A 165 -13.18 -27.63 0.63
C VAL A 165 -12.75 -29.05 1.01
N LYS A 166 -11.45 -29.33 0.85
CA LYS A 166 -10.85 -30.63 1.14
C LYS A 166 -11.20 -31.17 2.54
N GLY A 167 -11.92 -32.28 2.58
CA GLY A 167 -12.29 -32.88 3.84
C GLY A 167 -13.45 -32.26 4.58
N CYS A 168 -14.23 -31.41 3.90
CA CYS A 168 -15.37 -30.78 4.56
C CYS A 168 -16.56 -31.74 4.55
N THR A 169 -17.18 -31.88 5.72
CA THR A 169 -18.32 -32.75 5.88
C THR A 169 -19.43 -32.42 4.90
N GLU A 170 -20.00 -33.45 4.29
CA GLU A 170 -21.10 -33.30 3.36
C GLU A 170 -22.15 -34.24 3.92
N ARG A 171 -23.28 -33.68 4.37
CA ARG A 171 -24.32 -34.49 4.98
C ARG A 171 -25.61 -34.59 4.16
N PHE A 172 -26.05 -35.81 3.89
CA PHE A 172 -27.27 -36.05 3.14
C PHE A 172 -28.50 -35.80 4.01
N VAL A 173 -29.33 -34.86 3.60
CA VAL A 173 -30.53 -34.54 4.36
C VAL A 173 -31.76 -35.03 3.59
N CYS A 174 -32.82 -35.37 4.32
CA CYS A 174 -34.03 -35.87 3.69
C CYS A 174 -35.28 -35.15 4.13
N SER A 175 -35.15 -34.10 4.93
CA SER A 175 -36.32 -33.37 5.38
C SER A 175 -35.92 -32.03 5.95
N PRO A 176 -36.86 -31.07 5.99
CA PRO A 176 -36.57 -29.74 6.53
C PRO A 176 -36.02 -29.85 7.93
N ASP A 177 -36.63 -30.72 8.74
CA ASP A 177 -36.18 -30.91 10.12
C ASP A 177 -34.73 -31.37 10.21
N GLU A 178 -34.30 -32.23 9.30
CA GLU A 178 -32.91 -32.69 9.31
C GLU A 178 -31.98 -31.52 9.04
N VAL A 179 -32.37 -30.66 8.11
CA VAL A 179 -31.55 -29.50 7.77
C VAL A 179 -31.46 -28.52 8.93
N MET A 180 -32.59 -28.24 9.57
CA MET A 180 -32.58 -27.31 10.70
C MET A 180 -31.76 -27.87 11.84
N ASP A 181 -31.80 -29.19 12.03
CA ASP A 181 -31.01 -29.83 13.07
C ASP A 181 -29.53 -29.64 12.73
N THR A 182 -29.20 -29.75 11.44
CA THR A 182 -27.82 -29.56 10.98
C THR A 182 -27.37 -28.13 11.29
N ILE A 183 -28.21 -27.16 10.95
CA ILE A 183 -27.88 -25.76 11.23
C ILE A 183 -27.72 -25.57 12.72
N ASP A 184 -28.60 -26.18 13.50
CA ASP A 184 -28.53 -26.06 14.95
C ASP A 184 -27.26 -26.68 15.50
N GLU A 185 -26.82 -27.79 14.90
CA GLU A 185 -25.58 -28.44 15.36
C GLU A 185 -24.41 -27.53 15.03
N GLY A 186 -24.39 -27.01 13.80
CA GLY A 186 -23.30 -26.12 13.39
C GLY A 186 -23.21 -24.94 14.34
N LYS A 187 -24.35 -24.37 14.69
CA LYS A 187 -24.38 -23.24 15.59
C LYS A 187 -23.87 -23.59 16.98
N SER A 188 -24.08 -24.82 17.42
CA SER A 188 -23.57 -25.23 18.74
C SER A 188 -22.09 -25.54 18.64
N ASN A 189 -21.69 -26.22 17.57
CA ASN A 189 -20.30 -26.56 17.35
C ASN A 189 -19.42 -25.32 17.26
N ARG A 190 -19.99 -24.23 16.76
CA ARG A 190 -19.28 -22.96 16.60
C ARG A 190 -18.65 -22.40 17.88
N HIS A 191 -19.22 -22.76 19.03
CA HIS A 191 -18.71 -22.29 20.32
C HIS A 191 -17.43 -22.97 20.75
N VAL A 192 -17.10 -24.08 20.10
CA VAL A 192 -15.91 -24.84 20.43
C VAL A 192 -14.63 -24.06 20.17
N ALA A 193 -13.83 -23.90 21.22
CA ALA A 193 -12.55 -23.20 21.15
C ALA A 193 -12.70 -21.70 20.92
N VAL A 194 -13.88 -21.18 21.23
CA VAL A 194 -14.19 -19.77 21.07
C VAL A 194 -14.55 -19.23 22.44
N THR A 195 -13.74 -18.30 22.95
CA THR A 195 -13.99 -17.70 24.25
C THR A 195 -15.14 -16.70 24.20
N ASN A 196 -15.10 -15.81 23.21
CA ASN A 196 -16.13 -14.80 23.06
C ASN A 196 -16.89 -15.03 21.76
N MET A 197 -18.10 -15.56 21.86
CA MET A 197 -18.92 -15.84 20.69
C MET A 197 -19.45 -14.58 20.00
N ASN A 198 -19.65 -13.51 20.76
CA ASN A 198 -20.14 -12.26 20.19
C ASN A 198 -19.06 -11.78 19.22
N GLU A 199 -17.87 -11.59 19.77
CA GLU A 199 -16.70 -11.15 19.03
C GLU A 199 -16.46 -12.07 17.83
N HIS A 200 -16.48 -13.37 18.07
CA HIS A 200 -16.25 -14.35 17.01
C HIS A 200 -17.28 -14.32 15.89
N SER A 201 -18.55 -14.24 16.24
CA SER A 201 -19.62 -14.22 15.25
C SER A 201 -19.58 -12.98 14.38
N SER A 202 -19.32 -11.83 14.99
CA SER A 202 -19.26 -10.58 14.25
C SER A 202 -18.05 -10.50 13.33
N ARG A 203 -16.98 -11.21 13.66
CA ARG A 203 -15.75 -11.22 12.87
C ARG A 203 -15.57 -12.38 11.91
N SER A 204 -16.52 -13.32 11.86
CA SER A 204 -16.37 -14.47 10.96
C SER A 204 -17.49 -14.59 9.94
N HIS A 205 -17.29 -15.45 8.95
CA HIS A 205 -18.28 -15.67 7.90
C HIS A 205 -18.86 -17.07 7.99
N SER A 206 -20.18 -17.19 8.00
CA SER A 206 -20.84 -18.50 8.04
C SER A 206 -21.27 -18.83 6.63
N ILE A 207 -21.01 -20.05 6.19
CA ILE A 207 -21.37 -20.47 4.85
C ILE A 207 -22.13 -21.78 4.86
N PHE A 208 -23.38 -21.73 4.44
CA PHE A 208 -24.21 -22.92 4.37
C PHE A 208 -24.43 -23.30 2.91
N LEU A 209 -24.09 -24.53 2.55
CA LEU A 209 -24.23 -25.01 1.19
C LEU A 209 -25.32 -26.06 1.05
N ILE A 210 -26.18 -25.86 0.07
CA ILE A 210 -27.26 -26.80 -0.23
C ILE A 210 -27.07 -27.28 -1.66
N ASN A 211 -26.73 -28.55 -1.79
CA ASN A 211 -26.54 -29.17 -3.10
C ASN A 211 -27.76 -30.02 -3.41
N VAL A 212 -28.47 -29.65 -4.48
CA VAL A 212 -29.66 -30.37 -4.90
C VAL A 212 -29.40 -31.12 -6.19
N LYS A 213 -29.35 -32.44 -6.11
CA LYS A 213 -29.13 -33.26 -7.28
C LYS A 213 -30.41 -34.01 -7.58
N GLN A 214 -30.66 -34.27 -8.85
CA GLN A 214 -31.86 -34.96 -9.27
C GLN A 214 -31.64 -35.70 -10.58
N GLU A 215 -32.31 -36.83 -10.73
CA GLU A 215 -32.22 -37.63 -11.94
C GLU A 215 -33.60 -38.18 -12.28
N ASN A 216 -34.07 -37.89 -13.48
CA ASN A 216 -35.37 -38.39 -13.92
C ASN A 216 -35.12 -39.80 -14.41
N THR A 217 -35.58 -40.79 -13.64
CA THR A 217 -35.41 -42.19 -13.98
C THR A 217 -35.76 -42.54 -15.43
N GLN A 218 -36.72 -41.83 -16.01
CA GLN A 218 -37.13 -42.10 -17.39
C GLN A 218 -36.31 -41.29 -18.38
N THR A 219 -36.35 -39.96 -18.24
CA THR A 219 -35.62 -39.05 -19.12
C THR A 219 -34.10 -39.26 -19.03
N GLU A 220 -33.64 -39.57 -17.83
CA GLU A 220 -32.22 -39.80 -17.53
C GLU A 220 -31.40 -38.52 -17.38
N GLN A 221 -31.95 -37.38 -17.81
CA GLN A 221 -31.24 -36.12 -17.68
C GLN A 221 -31.02 -35.80 -16.21
N LYS A 222 -29.76 -35.66 -15.82
CA LYS A 222 -29.40 -35.36 -14.44
C LYS A 222 -29.24 -33.85 -14.27
N LEU A 223 -29.40 -33.38 -13.04
CA LEU A 223 -29.27 -31.96 -12.73
C LEU A 223 -28.65 -31.85 -11.36
N SER A 224 -27.84 -30.82 -11.16
CA SER A 224 -27.18 -30.58 -9.89
C SER A 224 -26.99 -29.08 -9.73
N GLY A 225 -27.41 -28.57 -8.59
CA GLY A 225 -27.29 -27.15 -8.33
C GLY A 225 -26.77 -26.97 -6.93
N LYS A 226 -25.97 -25.94 -6.74
CA LYS A 226 -25.39 -25.61 -5.45
C LYS A 226 -25.86 -24.21 -5.12
N LEU A 227 -26.33 -24.01 -3.91
CA LEU A 227 -26.79 -22.71 -3.47
C LEU A 227 -25.99 -22.42 -2.21
N TYR A 228 -25.16 -21.39 -2.25
CA TYR A 228 -24.37 -21.01 -1.09
C TYR A 228 -25.06 -19.86 -0.40
N LEU A 229 -25.33 -20.04 0.89
CA LEU A 229 -25.98 -19.04 1.70
C LEU A 229 -24.89 -18.50 2.62
N VAL A 230 -24.58 -17.20 2.50
CA VAL A 230 -23.50 -16.62 3.28
C VAL A 230 -23.85 -15.46 4.19
N ASP A 231 -23.54 -15.62 5.47
CA ASP A 231 -23.76 -14.60 6.48
C ASP A 231 -22.33 -14.09 6.75
N LEU A 232 -21.99 -12.97 6.12
CA LEU A 232 -20.66 -12.39 6.22
C LEU A 232 -20.30 -11.77 7.55
N ALA A 233 -19.00 -11.51 7.73
CA ALA A 233 -18.48 -10.88 8.93
C ALA A 233 -18.91 -9.41 8.87
N GLY A 234 -18.84 -8.72 10.00
CA GLY A 234 -19.23 -7.33 10.06
C GLY A 234 -18.33 -6.51 9.16
N SER A 235 -18.92 -5.62 8.39
CA SER A 235 -18.15 -4.78 7.46
C SER A 235 -17.56 -3.55 8.14
N GLU A 236 -17.83 -3.40 9.43
CA GLU A 236 -17.32 -2.26 10.18
C GLU A 236 -16.01 -2.56 10.88
N LYS A 237 -14.90 -2.21 10.22
CA LYS A 237 -13.58 -2.44 10.77
C LYS A 237 -13.26 -1.47 11.94
N VAL A 238 -13.77 -0.26 11.84
CA VAL A 238 -13.54 0.79 12.85
C VAL A 238 -13.99 0.42 14.27
N SER A 239 -13.40 1.12 15.24
CA SER A 239 -13.70 0.96 16.67
C SER A 239 -13.21 -0.32 17.34
N LYS A 240 -12.10 -0.88 16.85
CA LYS A 240 -11.56 -2.09 17.45
C LYS A 240 -10.92 -1.81 18.81
N THR A 241 -11.64 -2.18 19.87
CA THR A 241 -11.17 -1.98 21.24
C THR A 241 -10.31 -3.14 21.70
N GLY A 242 -9.36 -2.86 22.61
CA GLY A 242 -8.50 -3.91 23.13
C GLY A 242 -7.11 -3.43 23.47
N ALA A 243 -6.11 -4.28 23.23
CA ALA A 243 -4.72 -3.96 23.52
C ALA A 243 -3.94 -3.52 22.28
N GLU A 244 -3.38 -2.31 22.36
CA GLU A 244 -2.58 -1.72 21.28
C GLU A 244 -2.19 -0.32 21.76
N GLY A 245 -1.97 0.60 20.81
CA GLY A 245 -1.60 1.96 21.16
C GLY A 245 -2.77 2.65 21.83
N ALA A 246 -2.75 2.67 23.16
CA ALA A 246 -3.81 3.29 23.97
C ALA A 246 -4.39 4.58 23.37
N VAL A 247 -3.65 5.67 23.49
CA VAL A 247 -4.12 6.95 22.96
C VAL A 247 -3.52 7.20 21.57
N LEU A 248 -3.31 6.13 20.81
CA LEU A 248 -2.74 6.25 19.47
C LEU A 248 -3.03 4.99 18.66
N ASP A 249 -4.22 4.93 18.08
CA ASP A 249 -4.60 3.78 17.27
C ASP A 249 -5.62 4.15 16.20
N GLU A 250 -5.59 3.38 15.12
CA GLU A 250 -6.47 3.53 13.96
C GLU A 250 -6.01 2.44 12.99
N ALA A 251 -5.38 1.42 13.55
CA ALA A 251 -4.84 0.31 12.77
C ALA A 251 -5.76 -0.90 12.67
N LYS A 252 -6.34 -1.08 11.48
CA LYS A 252 -7.22 -2.22 11.18
C LYS A 252 -7.67 -2.11 9.74
N ASN A 253 -7.59 -3.23 9.03
CA ASN A 253 -7.97 -3.27 7.63
C ASN A 253 -9.39 -3.75 7.45
N ILE A 254 -9.85 -3.72 6.19
CA ILE A 254 -11.16 -4.21 5.83
C ILE A 254 -10.94 -5.72 5.76
N ASN A 255 -11.92 -6.50 6.22
CA ASN A 255 -11.79 -7.94 6.21
C ASN A 255 -11.35 -8.47 4.86
N LYS A 256 -10.35 -9.35 4.88
CA LYS A 256 -9.80 -9.94 3.67
C LYS A 256 -10.83 -10.51 2.70
N SER A 257 -11.84 -11.21 3.21
CA SER A 257 -12.84 -11.79 2.34
C SER A 257 -13.80 -10.75 1.77
N LEU A 258 -14.13 -9.75 2.58
CA LEU A 258 -15.02 -8.68 2.14
C LEU A 258 -14.33 -7.88 1.02
N SER A 259 -13.05 -7.58 1.21
CA SER A 259 -12.32 -6.84 0.18
C SER A 259 -12.19 -7.70 -1.08
N ALA A 260 -11.97 -9.00 -0.88
CA ALA A 260 -11.85 -9.92 -2.02
C ALA A 260 -13.18 -10.00 -2.75
N LEU A 261 -14.26 -9.96 -1.98
CA LEU A 261 -15.60 -10.02 -2.55
C LEU A 261 -15.85 -8.71 -3.34
N GLY A 262 -15.41 -7.59 -2.76
CA GLY A 262 -15.58 -6.31 -3.42
C GLY A 262 -14.92 -6.32 -4.79
N ASN A 263 -13.67 -6.76 -4.84
CA ASN A 263 -12.94 -6.84 -6.10
C ASN A 263 -13.59 -7.78 -7.09
N VAL A 264 -14.15 -8.88 -6.60
CA VAL A 264 -14.80 -9.84 -7.48
C VAL A 264 -16.09 -9.25 -8.08
N ILE A 265 -16.86 -8.55 -7.26
CA ILE A 265 -18.12 -7.94 -7.72
C ILE A 265 -17.86 -6.81 -8.70
N SER A 266 -16.88 -5.96 -8.39
CA SER A 266 -16.52 -4.84 -9.26
C SER A 266 -16.06 -5.39 -10.61
N ALA A 267 -15.24 -6.45 -10.59
CA ALA A 267 -14.75 -7.05 -11.82
C ALA A 267 -15.90 -7.56 -12.68
N LEU A 268 -16.86 -8.22 -12.03
CA LEU A 268 -18.02 -8.75 -12.76
C LEU A 268 -18.87 -7.60 -13.28
N ALA A 269 -19.05 -6.57 -12.45
CA ALA A 269 -19.83 -5.41 -12.86
C ALA A 269 -19.22 -4.72 -14.10
N GLU A 270 -17.89 -4.76 -14.19
CA GLU A 270 -17.16 -4.16 -15.30
C GLU A 270 -17.16 -5.02 -16.55
N GLY A 271 -17.75 -6.20 -16.47
CA GLY A 271 -17.78 -7.08 -17.62
C GLY A 271 -16.42 -7.65 -17.95
N SER A 272 -15.53 -7.67 -16.96
CA SER A 272 -14.17 -8.19 -17.13
C SER A 272 -14.15 -9.68 -17.38
N THR A 273 -13.31 -10.12 -18.29
CA THR A 273 -13.18 -11.54 -18.59
C THR A 273 -12.40 -12.23 -17.47
N TYR A 274 -11.56 -11.48 -16.76
CA TYR A 274 -10.80 -12.05 -15.66
C TYR A 274 -11.37 -11.55 -14.33
N VAL A 275 -11.80 -12.49 -13.48
CA VAL A 275 -12.35 -12.14 -12.18
C VAL A 275 -11.37 -12.67 -11.14
N PRO A 276 -10.98 -11.84 -10.17
CA PRO A 276 -10.03 -12.18 -9.11
C PRO A 276 -10.51 -13.08 -7.95
N TYR A 277 -11.03 -14.25 -8.27
CA TYR A 277 -11.53 -15.19 -7.25
C TYR A 277 -10.45 -15.62 -6.27
N ARG A 278 -9.21 -15.76 -6.75
CA ARG A 278 -8.11 -16.20 -5.90
C ARG A 278 -7.74 -15.24 -4.78
N ASP A 279 -8.34 -14.05 -4.76
CA ASP A 279 -8.05 -13.07 -3.72
C ASP A 279 -8.39 -13.55 -2.30
N SER A 280 -9.15 -14.63 -2.19
CA SER A 280 -9.50 -15.17 -0.89
C SER A 280 -10.04 -16.59 -1.02
N LYS A 281 -9.98 -17.34 0.07
CA LYS A 281 -10.48 -18.71 0.09
C LYS A 281 -11.98 -18.70 -0.21
N MET A 282 -12.68 -17.73 0.37
CA MET A 282 -14.12 -17.60 0.17
C MET A 282 -14.48 -17.45 -1.30
N THR A 283 -13.88 -16.47 -1.97
CA THR A 283 -14.19 -16.24 -3.37
C THR A 283 -13.75 -17.40 -4.25
N ARG A 284 -12.74 -18.15 -3.81
CA ARG A 284 -12.26 -19.31 -4.57
C ARG A 284 -13.27 -20.44 -4.49
N ILE A 285 -13.80 -20.69 -3.29
CA ILE A 285 -14.80 -21.75 -3.08
C ILE A 285 -16.08 -21.42 -3.85
N LEU A 286 -16.49 -20.15 -3.76
CA LEU A 286 -17.70 -19.65 -4.42
C LEU A 286 -17.59 -19.45 -5.92
N GLN A 287 -16.38 -19.64 -6.45
CA GLN A 287 -16.13 -19.43 -7.87
C GLN A 287 -17.13 -20.00 -8.88
N ASP A 288 -17.63 -21.21 -8.63
CA ASP A 288 -18.57 -21.81 -9.57
C ASP A 288 -20.03 -21.43 -9.31
N SER A 289 -20.25 -20.52 -8.37
CA SER A 289 -21.60 -20.10 -8.00
C SER A 289 -21.75 -18.57 -7.90
N LEU A 290 -20.68 -17.85 -8.23
CA LEU A 290 -20.69 -16.41 -8.16
C LEU A 290 -20.20 -15.88 -9.49
N GLY A 291 -21.06 -15.11 -10.16
CA GLY A 291 -20.72 -14.58 -11.46
C GLY A 291 -20.89 -15.67 -12.50
N GLY A 292 -20.66 -15.31 -13.75
CA GLY A 292 -20.78 -16.28 -14.83
C GLY A 292 -22.20 -16.51 -15.27
N ASN A 293 -22.72 -17.70 -14.97
CA ASN A 293 -24.08 -18.07 -15.34
C ASN A 293 -24.86 -18.38 -14.07
N CYS A 294 -24.49 -17.70 -12.99
CA CYS A 294 -25.12 -17.89 -11.69
C CYS A 294 -25.85 -16.62 -11.28
N ARG A 295 -26.90 -16.80 -10.49
CA ARG A 295 -27.67 -15.66 -9.99
C ARG A 295 -27.07 -15.36 -8.63
N THR A 296 -27.01 -14.09 -8.29
CA THR A 296 -26.44 -13.69 -7.02
C THR A 296 -27.20 -12.53 -6.45
N THR A 297 -27.63 -12.66 -5.21
CA THR A 297 -28.34 -11.60 -4.53
C THR A 297 -27.52 -11.23 -3.32
N ILE A 298 -27.32 -9.93 -3.14
CA ILE A 298 -26.59 -9.44 -2.01
C ILE A 298 -27.59 -8.58 -1.27
N VAL A 299 -27.82 -8.91 -0.01
CA VAL A 299 -28.73 -8.13 0.78
C VAL A 299 -27.87 -7.35 1.74
N ILE A 300 -27.71 -6.05 1.49
CA ILE A 300 -26.93 -5.21 2.37
C ILE A 300 -27.93 -4.73 3.43
N CYS A 301 -27.59 -4.90 4.69
CA CYS A 301 -28.44 -4.54 5.81
C CYS A 301 -27.87 -3.30 6.49
N CYS A 302 -28.76 -2.42 6.93
CA CYS A 302 -28.32 -1.18 7.57
C CYS A 302 -29.18 -0.76 8.76
N SER A 303 -28.55 -0.08 9.70
CA SER A 303 -29.23 0.48 10.84
C SER A 303 -29.63 1.87 10.31
N PRO A 304 -30.83 2.34 10.63
CA PRO A 304 -31.25 3.67 10.15
C PRO A 304 -30.77 4.79 11.08
N SER A 305 -29.91 4.43 12.03
CA SER A 305 -29.38 5.35 13.03
C SER A 305 -28.44 6.42 12.56
N SER A 306 -28.61 7.60 13.16
CA SER A 306 -27.78 8.76 12.87
C SER A 306 -26.34 8.46 13.28
N TYR A 307 -26.21 7.60 14.29
CA TYR A 307 -24.93 7.19 14.84
C TYR A 307 -24.13 6.32 13.87
N ASN A 308 -24.82 5.55 13.05
CA ASN A 308 -24.17 4.65 12.10
C ASN A 308 -24.21 5.20 10.69
N GLU A 309 -24.33 6.52 10.57
CA GLU A 309 -24.42 7.18 9.27
C GLU A 309 -23.26 6.86 8.35
N SER A 310 -22.04 7.03 8.84
CA SER A 310 -20.85 6.77 8.04
C SER A 310 -20.71 5.30 7.63
N GLU A 311 -21.07 4.39 8.54
CA GLU A 311 -21.00 2.96 8.23
C GLU A 311 -22.02 2.58 7.18
N THR A 312 -23.22 3.16 7.30
CA THR A 312 -24.29 2.90 6.35
C THR A 312 -23.82 3.35 4.96
N LYS A 313 -23.21 4.54 4.88
CA LYS A 313 -22.69 5.06 3.61
C LYS A 313 -21.76 4.03 2.97
N SER A 314 -20.86 3.46 3.78
CA SER A 314 -19.92 2.44 3.31
C SER A 314 -20.68 1.24 2.74
N THR A 315 -21.66 0.76 3.50
CA THR A 315 -22.44 -0.39 3.08
C THR A 315 -23.13 -0.10 1.76
N LEU A 316 -23.78 1.06 1.68
CA LEU A 316 -24.48 1.46 0.48
C LEU A 316 -23.51 1.49 -0.70
N LEU A 317 -22.32 2.03 -0.45
CA LEU A 317 -21.29 2.11 -1.47
C LEU A 317 -20.87 0.72 -1.92
N PHE A 318 -20.68 -0.20 -0.97
CA PHE A 318 -20.28 -1.56 -1.32
C PHE A 318 -21.33 -2.17 -2.25
N GLY A 319 -22.59 -2.02 -1.86
CA GLY A 319 -23.68 -2.56 -2.65
C GLY A 319 -23.68 -1.98 -4.05
N GLN A 320 -23.28 -0.72 -4.17
CA GLN A 320 -23.24 -0.06 -5.47
C GLN A 320 -22.20 -0.61 -6.42
N ARG A 321 -21.25 -1.38 -5.91
CA ARG A 321 -20.22 -1.97 -6.77
C ARG A 321 -20.81 -2.75 -7.93
N ALA A 322 -22.06 -3.17 -7.78
CA ALA A 322 -22.73 -3.92 -8.83
C ALA A 322 -23.67 -2.98 -9.60
N LYS A 323 -23.08 -2.10 -10.41
CA LYS A 323 -23.86 -1.13 -11.18
C LYS A 323 -24.80 -1.81 -12.16
N THR A 324 -26.10 -1.77 -11.86
CA THR A 324 -27.12 -2.40 -12.69
C THR A 324 -27.79 -1.46 -13.69
N ILE A 325 -28.49 -2.06 -14.64
CA ILE A 325 -29.22 -1.35 -15.68
C ILE A 325 -30.34 -2.33 -16.10
N ARG B 2 2.79 33.17 23.55
CA ARG B 2 4.02 33.79 22.98
C ARG B 2 4.81 32.85 22.07
N GLU B 3 5.03 31.61 22.52
CA GLU B 3 5.77 30.65 21.71
C GLU B 3 4.90 29.89 20.73
N CYS B 4 5.54 28.96 20.02
CA CYS B 4 4.86 28.12 19.04
C CYS B 4 5.65 26.83 18.87
N ILE B 5 5.18 25.75 19.50
CA ILE B 5 5.88 24.48 19.37
C ILE B 5 5.83 24.04 17.90
N SER B 6 6.59 23.01 17.57
CA SER B 6 6.62 22.50 16.21
C SER B 6 6.83 21.00 16.22
N ILE B 7 6.03 20.31 15.42
CA ILE B 7 6.11 18.86 15.32
C ILE B 7 6.41 18.46 13.89
N HIS B 8 7.66 18.10 13.65
CA HIS B 8 8.12 17.69 12.33
C HIS B 8 7.81 16.22 12.14
N VAL B 9 6.79 15.92 11.34
CA VAL B 9 6.38 14.54 11.11
C VAL B 9 6.68 14.01 9.71
N GLY B 10 7.21 12.78 9.66
CA GLY B 10 7.55 12.14 8.41
C GLY B 10 9.00 12.40 8.06
N GLN B 11 9.70 11.44 7.47
CA GLN B 11 11.09 11.67 7.12
C GLN B 11 11.24 13.06 6.56
N ALA B 12 10.49 13.36 5.51
CA ALA B 12 10.58 14.68 4.88
C ALA B 12 10.43 15.81 5.90
N GLY B 13 9.29 15.84 6.57
CA GLY B 13 9.02 16.88 7.55
C GLY B 13 10.16 16.99 8.55
N VAL B 14 10.97 15.95 8.59
CA VAL B 14 12.11 15.88 9.49
C VAL B 14 13.38 16.43 8.80
N GLN B 15 13.50 16.16 7.50
CA GLN B 15 14.64 16.65 6.71
C GLN B 15 14.50 18.17 6.62
N ILE B 16 13.29 18.58 6.26
CA ILE B 16 12.95 19.98 6.16
C ILE B 16 13.14 20.56 7.57
N GLY B 17 12.78 19.75 8.56
CA GLY B 17 12.90 20.17 9.94
C GLY B 17 14.35 20.46 10.29
N ASN B 18 15.22 19.50 10.01
CA ASN B 18 16.64 19.67 10.31
C ASN B 18 17.13 20.96 9.65
N ALA B 19 16.58 21.24 8.48
CA ALA B 19 16.94 22.44 7.69
C ALA B 19 16.47 23.73 8.31
N CYS B 20 15.14 23.84 8.50
CA CYS B 20 14.55 25.01 9.10
C CYS B 20 15.18 25.17 10.46
N TRP B 21 15.47 24.05 11.10
CA TRP B 21 16.08 24.11 12.41
C TRP B 21 17.50 24.59 12.35
N GLU B 22 18.13 24.38 11.20
CA GLU B 22 19.50 24.81 11.02
C GLU B 22 19.50 26.32 10.87
N LEU B 23 18.85 26.80 9.82
CA LEU B 23 18.80 28.23 9.57
C LEU B 23 18.62 28.98 10.88
N TYR B 24 17.83 28.41 11.78
CA TYR B 24 17.57 29.06 13.05
C TYR B 24 18.81 29.49 13.84
N CYS B 25 19.44 28.54 14.52
CA CYS B 25 20.60 28.85 15.32
C CYS B 25 21.54 29.75 14.52
N LEU B 26 21.64 29.45 13.23
CA LEU B 26 22.51 30.18 12.31
C LEU B 26 22.33 31.71 12.36
N GLU B 27 21.11 32.14 12.62
CA GLU B 27 20.79 33.56 12.68
C GLU B 27 20.45 33.98 14.11
N HIS B 28 20.87 33.17 15.07
CA HIS B 28 20.64 33.46 16.48
C HIS B 28 21.91 33.24 17.31
N GLY B 29 23.01 33.02 16.60
CA GLY B 29 24.31 32.84 17.25
C GLY B 29 24.42 31.71 18.26
N ILE B 30 23.68 30.64 18.03
CA ILE B 30 23.68 29.50 18.94
C ILE B 30 24.21 28.27 18.17
N GLN B 31 25.52 28.10 18.19
CA GLN B 31 26.24 27.02 17.54
C GLN B 31 25.73 25.63 17.94
N PRO B 32 26.35 24.56 17.38
CA PRO B 32 25.96 23.15 17.66
C PRO B 32 25.39 22.89 19.02
N ASP B 33 26.18 23.21 20.03
CA ASP B 33 25.83 23.01 21.42
C ASP B 33 25.72 24.35 22.16
N GLY B 34 24.49 24.87 22.29
CA GLY B 34 24.29 26.14 22.97
C GLY B 34 23.50 26.01 24.26
N HIS B 61 21.10 26.23 23.10
CA HIS B 61 20.27 26.26 24.30
C HIS B 61 19.49 24.95 24.37
N VAL B 62 18.27 24.99 23.87
CA VAL B 62 17.35 23.86 23.83
C VAL B 62 16.28 24.20 22.79
N PRO B 63 16.02 23.28 21.86
CA PRO B 63 14.99 23.55 20.83
C PRO B 63 13.63 23.81 21.46
N ARG B 64 12.58 23.52 20.71
CA ARG B 64 11.23 23.72 21.23
C ARG B 64 10.29 22.99 20.29
N ALA B 65 10.68 21.77 19.92
CA ALA B 65 9.89 20.97 19.01
C ALA B 65 10.10 19.48 19.19
N VAL B 66 9.51 18.69 18.30
CA VAL B 66 9.69 17.25 18.37
C VAL B 66 9.83 16.65 16.99
N PHE B 67 10.26 15.39 16.94
CA PHE B 67 10.45 14.68 15.68
C PHE B 67 9.82 13.30 15.67
N VAL B 68 8.87 13.09 14.77
CA VAL B 68 8.16 11.82 14.66
C VAL B 68 8.36 11.07 13.34
N ASP B 69 8.55 9.76 13.43
CA ASP B 69 8.75 8.92 12.25
C ASP B 69 8.65 7.44 12.65
N LEU B 70 8.11 6.64 11.74
CA LEU B 70 7.96 5.21 11.97
C LEU B 70 9.05 4.43 11.26
N GLU B 71 10.09 5.16 10.86
CA GLU B 71 11.27 4.56 10.23
C GLU B 71 12.41 5.17 11.01
N PRO B 72 13.05 4.38 11.87
CA PRO B 72 14.15 4.88 12.68
C PRO B 72 15.30 5.54 11.94
N THR B 73 15.86 4.85 10.95
CA THR B 73 17.00 5.38 10.22
C THR B 73 16.98 6.88 9.86
N VAL B 74 15.81 7.48 9.70
CA VAL B 74 15.74 8.91 9.34
C VAL B 74 15.91 9.91 10.49
N ILE B 75 15.23 9.63 11.60
CA ILE B 75 15.30 10.47 12.79
C ILE B 75 16.70 10.24 13.33
N ASP B 76 17.23 9.06 13.01
CA ASP B 76 18.57 8.71 13.42
C ASP B 76 19.53 9.72 12.80
N GLU B 77 19.22 10.17 11.58
CA GLU B 77 20.07 11.14 10.89
C GLU B 77 20.19 12.41 11.69
N VAL B 78 19.24 12.65 12.57
CA VAL B 78 19.26 13.83 13.42
C VAL B 78 19.98 13.42 14.68
N ARG B 79 20.12 12.11 14.85
CA ARG B 79 20.80 11.53 16.01
C ARG B 79 22.27 11.21 15.68
N THR B 80 22.60 11.16 14.39
CA THR B 80 23.95 10.87 13.95
C THR B 80 24.62 12.09 13.34
N GLY B 81 23.93 12.74 12.41
CA GLY B 81 24.48 13.90 11.74
C GLY B 81 24.55 15.20 12.53
N THR B 82 24.64 16.31 11.80
CA THR B 82 24.74 17.63 12.38
C THR B 82 23.60 17.89 13.36
N TYR B 83 23.73 18.93 14.17
CA TYR B 83 22.71 19.30 15.14
C TYR B 83 22.30 18.06 15.92
N ARG B 84 23.31 17.29 16.29
CA ARG B 84 23.16 16.04 17.01
C ARG B 84 22.78 16.22 18.48
N GLN B 85 23.57 17.02 19.20
CA GLN B 85 23.33 17.26 20.62
C GLN B 85 22.49 18.49 20.96
N LEU B 86 21.90 19.11 19.94
CA LEU B 86 21.06 20.27 20.19
C LEU B 86 19.64 19.81 20.49
N PHE B 87 19.43 18.50 20.56
CA PHE B 87 18.12 17.95 20.84
C PHE B 87 18.16 16.98 22.02
N HIS B 88 16.99 16.77 22.59
CA HIS B 88 16.83 15.85 23.69
C HIS B 88 16.27 14.57 23.14
N PRO B 89 16.94 13.45 23.40
CA PRO B 89 16.45 12.17 22.90
C PRO B 89 14.99 11.96 23.29
N GLU B 90 14.41 12.97 23.92
CA GLU B 90 13.03 12.91 24.36
C GLU B 90 12.10 13.55 23.32
N GLN B 91 12.62 14.52 22.56
CA GLN B 91 11.83 15.19 21.52
C GLN B 91 12.11 14.56 20.16
N LEU B 92 12.62 13.33 20.20
CA LEU B 92 12.93 12.54 19.02
C LEU B 92 12.19 11.20 19.14
N ILE B 93 10.97 11.16 18.62
CA ILE B 93 10.16 9.94 18.67
C ILE B 93 10.35 9.09 17.42
N THR B 94 10.47 7.78 17.64
CA THR B 94 10.65 6.82 16.56
C THR B 94 9.90 5.52 16.85
N GLY B 95 9.50 4.85 15.78
CA GLY B 95 8.80 3.59 15.91
C GLY B 95 9.55 2.59 15.05
N LYS B 96 10.64 2.05 15.59
CA LYS B 96 11.50 1.07 14.90
C LYS B 96 10.78 0.25 13.85
N GLU B 97 9.48 0.08 14.07
CA GLU B 97 8.63 -0.70 13.20
C GLU B 97 8.73 -0.33 11.74
N ASP B 98 7.57 -0.15 11.11
CA ASP B 98 7.57 0.12 9.69
C ASP B 98 6.85 1.41 9.29
N ALA B 99 7.43 2.12 8.34
CA ALA B 99 6.85 3.37 7.86
C ALA B 99 5.59 3.12 7.03
N ALA B 100 5.78 2.52 5.85
CA ALA B 100 4.69 2.18 4.94
C ALA B 100 4.15 3.38 4.22
N ASN B 101 4.36 3.45 2.93
CA ASN B 101 3.89 4.62 2.21
C ASN B 101 2.39 4.63 2.04
N ASN B 102 1.71 4.28 3.11
CA ASN B 102 0.27 4.27 3.07
C ASN B 102 -0.37 4.86 4.31
N TYR B 103 -1.22 5.84 4.06
CA TYR B 103 -1.98 6.56 5.05
C TYR B 103 -2.46 5.59 6.13
N ALA B 104 -3.53 4.86 5.84
CA ALA B 104 -4.11 3.88 6.73
C ALA B 104 -3.17 3.36 7.82
N ARG B 105 -2.19 2.58 7.39
CA ARG B 105 -1.21 2.00 8.29
C ARG B 105 -0.60 3.06 9.20
N GLY B 106 -0.17 4.17 8.62
CA GLY B 106 0.42 5.21 9.44
C GLY B 106 -0.54 5.91 10.39
N HIS B 107 -1.78 6.09 9.94
CA HIS B 107 -2.78 6.75 10.77
C HIS B 107 -3.31 5.75 11.76
N TYR B 108 -4.07 4.78 11.26
CA TYR B 108 -4.68 3.73 12.07
C TYR B 108 -3.64 2.75 12.60
N THR B 109 -3.74 1.49 12.18
CA THR B 109 -2.84 0.41 12.58
C THR B 109 -1.55 0.81 13.29
N ILE B 110 -0.45 0.98 12.57
CA ILE B 110 0.79 1.29 13.25
C ILE B 110 0.84 2.67 13.89
N GLY B 111 0.90 3.72 13.09
CA GLY B 111 0.96 5.06 13.63
C GLY B 111 0.28 5.27 14.98
N LYS B 112 -0.80 4.53 15.22
CA LYS B 112 -1.54 4.66 16.47
C LYS B 112 -0.68 4.45 17.69
N GLU B 113 -0.05 3.27 17.76
CA GLU B 113 0.80 2.91 18.88
C GLU B 113 1.71 4.02 19.42
N ILE B 114 2.25 4.84 18.53
CA ILE B 114 3.16 5.91 18.92
C ILE B 114 2.51 7.19 19.40
N ILE B 115 1.43 7.58 18.74
CA ILE B 115 0.70 8.81 19.03
C ILE B 115 0.69 9.22 20.50
N ASP B 116 0.17 8.37 21.38
CA ASP B 116 0.14 8.69 22.81
C ASP B 116 1.47 9.35 23.12
N LEU B 117 2.51 8.53 23.13
CA LEU B 117 3.87 8.96 23.39
C LEU B 117 4.15 10.27 22.70
N VAL B 118 3.83 10.37 21.42
CA VAL B 118 4.06 11.59 20.67
C VAL B 118 3.42 12.74 21.43
N LEU B 119 2.10 12.67 21.56
CA LEU B 119 1.34 13.68 22.27
C LEU B 119 2.05 14.06 23.55
N ASP B 120 2.31 13.07 24.39
CA ASP B 120 2.97 13.29 25.66
C ASP B 120 4.02 14.39 25.60
N ARG B 121 4.84 14.39 24.55
CA ARG B 121 5.87 15.43 24.45
C ARG B 121 5.26 16.79 24.14
N ILE B 122 4.27 16.82 23.24
CA ILE B 122 3.64 18.07 22.88
C ILE B 122 2.67 18.53 23.96
N ARG B 123 2.74 17.84 25.10
CA ARG B 123 1.93 18.14 26.29
C ARG B 123 2.92 18.38 27.43
N LYS B 124 4.11 17.80 27.27
CA LYS B 124 5.19 17.92 28.24
C LYS B 124 6.01 19.15 27.86
N LEU B 125 6.10 19.41 26.56
CA LEU B 125 6.84 20.55 26.02
C LEU B 125 5.90 21.76 25.99
N ALA B 126 4.59 21.48 25.96
CA ALA B 126 3.59 22.54 25.92
C ALA B 126 3.33 23.12 27.29
N ASP B 127 3.71 22.37 28.32
CA ASP B 127 3.51 22.78 29.70
C ASP B 127 4.66 23.65 30.15
N GLN B 128 5.87 23.12 30.03
CA GLN B 128 7.09 23.80 30.42
C GLN B 128 7.15 25.29 30.06
N CYS B 129 6.59 25.65 28.91
CA CYS B 129 6.61 27.05 28.45
C CYS B 129 5.78 28.06 29.25
N THR B 130 5.54 29.23 28.64
CA THR B 130 4.77 30.31 29.26
C THR B 130 3.78 30.86 28.23
N GLY B 131 2.49 30.60 28.46
CA GLY B 131 1.46 31.08 27.53
C GLY B 131 1.92 30.98 26.09
N LEU B 132 1.74 29.81 25.48
CA LEU B 132 2.14 29.58 24.08
C LEU B 132 1.05 30.07 23.12
N GLN B 133 1.30 29.91 21.83
CA GLN B 133 0.36 30.34 20.81
C GLN B 133 -0.09 29.21 19.88
N GLY B 134 0.74 28.17 19.77
CA GLY B 134 0.39 27.07 18.91
C GLY B 134 1.54 26.18 18.52
N PHE B 135 1.26 25.24 17.61
CA PHE B 135 2.27 24.27 17.13
C PHE B 135 2.47 24.32 15.62
N SER B 136 3.65 24.75 15.20
CA SER B 136 3.96 24.78 13.79
C SER B 136 4.28 23.33 13.43
N VAL B 137 3.36 22.67 12.73
CA VAL B 137 3.50 21.27 12.32
C VAL B 137 4.20 21.13 10.96
N PHE B 138 5.14 20.20 10.82
CA PHE B 138 5.83 20.02 9.54
C PHE B 138 5.66 18.62 8.98
N HIS B 139 4.83 18.48 7.94
CA HIS B 139 4.60 17.18 7.35
C HIS B 139 4.61 17.20 5.83
N SER B 140 4.73 16.02 5.23
CA SER B 140 4.78 15.87 3.79
C SER B 140 3.60 15.18 3.14
N PHE B 141 2.45 15.83 3.22
CA PHE B 141 1.22 15.35 2.62
C PHE B 141 1.16 13.92 2.10
N GLY B 142 1.91 13.65 1.02
CA GLY B 142 1.87 12.31 0.43
C GLY B 142 2.86 11.26 0.92
N GLY B 143 2.81 10.96 2.20
CA GLY B 143 3.71 9.95 2.74
C GLY B 143 2.92 9.01 3.60
N GLY B 144 3.60 8.18 4.37
CA GLY B 144 2.91 7.26 5.26
C GLY B 144 2.88 7.87 6.64
N THR B 145 4.05 8.14 7.19
CA THR B 145 4.18 8.74 8.50
C THR B 145 3.79 10.19 8.45
N GLY B 146 3.91 10.79 7.28
CA GLY B 146 3.58 12.20 7.16
C GLY B 146 2.11 12.55 6.95
N SER B 147 1.43 11.74 6.17
CA SER B 147 0.02 11.95 5.89
C SER B 147 -0.79 11.39 7.04
N GLY B 148 -0.79 10.06 7.11
CA GLY B 148 -1.54 9.36 8.15
C GLY B 148 -1.31 9.89 9.53
N PHE B 149 -0.25 9.43 10.17
CA PHE B 149 0.07 9.85 11.53
C PHE B 149 -0.44 11.25 11.88
N THR B 150 0.22 12.27 11.36
CA THR B 150 -0.18 13.64 11.65
C THR B 150 -1.67 13.73 11.66
N SER B 151 -2.28 13.23 10.61
CA SER B 151 -3.72 13.28 10.51
C SER B 151 -4.33 13.13 11.90
N LEU B 152 -3.90 12.13 12.65
CA LEU B 152 -4.44 11.97 13.98
C LEU B 152 -3.70 12.78 15.05
N LEU B 153 -2.50 13.22 14.75
CA LEU B 153 -1.74 14.04 15.68
C LEU B 153 -2.44 15.38 15.76
N MET B 154 -2.59 16.03 14.62
CA MET B 154 -3.28 17.31 14.55
C MET B 154 -4.68 17.04 15.07
N GLU B 155 -5.17 15.83 14.79
CA GLU B 155 -6.50 15.43 15.20
C GLU B 155 -6.58 15.53 16.70
N ARG B 156 -5.72 14.80 17.39
CA ARG B 156 -5.72 14.82 18.86
C ARG B 156 -5.36 16.18 19.48
N LEU B 157 -4.83 17.11 18.69
CA LEU B 157 -4.48 18.46 19.15
C LEU B 157 -5.71 19.36 19.16
N SER B 158 -6.39 19.41 18.03
CA SER B 158 -7.58 20.23 17.91
C SER B 158 -8.55 20.02 19.06
N VAL B 159 -8.40 18.92 19.77
CA VAL B 159 -9.29 18.63 20.90
C VAL B 159 -8.62 18.96 22.23
N ASP B 160 -7.32 18.70 22.32
CA ASP B 160 -6.60 18.95 23.54
C ASP B 160 -6.21 20.41 23.72
N TYR B 161 -6.21 21.18 22.64
CA TYR B 161 -5.88 22.59 22.72
C TYR B 161 -6.66 23.37 21.69
N GLY B 162 -7.95 23.08 21.54
CA GLY B 162 -8.73 23.82 20.55
C GLY B 162 -8.47 25.30 20.64
N LYS B 163 -8.10 25.75 21.83
CA LYS B 163 -7.84 27.14 22.14
C LYS B 163 -6.46 27.65 21.73
N LYS B 164 -6.01 27.31 20.54
CA LYS B 164 -4.70 27.77 20.06
C LYS B 164 -4.63 27.80 18.55
N SER B 165 -3.41 27.99 18.04
CA SER B 165 -3.18 28.03 16.62
C SER B 165 -2.60 26.71 16.13
N LYS B 166 -3.12 26.27 14.99
CA LYS B 166 -2.67 25.03 14.37
C LYS B 166 -2.30 25.32 12.93
N LEU B 167 -1.11 25.87 12.75
CA LEU B 167 -0.64 26.18 11.42
C LEU B 167 0.25 25.03 11.00
N GLU B 168 -0.20 24.28 10.01
CA GLU B 168 0.58 23.15 9.54
C GLU B 168 1.25 23.51 8.25
N PHE B 169 2.57 23.38 8.25
CA PHE B 169 3.38 23.68 7.08
C PHE B 169 3.61 22.42 6.26
N SER B 170 2.85 22.29 5.17
CA SER B 170 2.93 21.12 4.30
C SER B 170 3.75 21.26 3.01
N ILE B 171 4.12 20.12 2.45
CA ILE B 171 4.88 20.00 1.21
C ILE B 171 4.02 19.09 0.36
N TYR B 172 2.97 19.66 -0.19
CA TYR B 172 2.02 18.89 -0.98
C TYR B 172 2.54 18.48 -2.35
N PRO B 173 2.15 17.25 -2.80
CA PRO B 173 2.43 16.50 -4.03
C PRO B 173 2.85 17.27 -5.29
N ALA B 174 4.04 16.98 -5.79
CA ALA B 174 4.53 17.62 -7.00
C ALA B 174 3.50 17.36 -8.08
N PRO B 175 3.08 18.41 -8.78
CA PRO B 175 2.07 18.35 -9.86
C PRO B 175 2.24 17.27 -10.95
N GLN B 176 3.47 16.85 -11.22
CA GLN B 176 3.71 15.84 -12.23
C GLN B 176 4.87 14.95 -11.82
N VAL B 177 5.69 15.48 -10.93
CA VAL B 177 6.86 14.77 -10.45
C VAL B 177 6.63 14.22 -9.06
N SER B 178 5.61 13.38 -8.89
CA SER B 178 5.35 12.81 -7.58
C SER B 178 6.35 11.67 -7.42
N THR B 179 6.35 11.05 -6.26
CA THR B 179 7.27 9.96 -6.01
C THR B 179 6.47 8.68 -5.78
N ALA B 180 5.91 8.55 -4.58
CA ALA B 180 5.11 7.38 -4.23
C ALA B 180 4.12 7.13 -5.35
N VAL B 181 3.78 5.87 -5.54
CA VAL B 181 2.84 5.50 -6.57
C VAL B 181 1.44 5.86 -6.16
N VAL B 182 1.21 5.81 -4.86
CA VAL B 182 -0.10 6.10 -4.29
C VAL B 182 -0.35 7.55 -3.89
N GLU B 183 0.72 8.28 -3.59
CA GLU B 183 0.69 9.70 -3.19
C GLU B 183 -0.70 10.29 -2.97
N PRO B 184 -1.54 10.38 -4.03
CA PRO B 184 -2.89 10.94 -3.84
C PRO B 184 -3.71 10.26 -2.73
N TYR B 185 -3.68 8.94 -2.71
CA TYR B 185 -4.42 8.26 -1.66
C TYR B 185 -4.00 8.88 -0.34
N ASN B 186 -2.69 9.00 -0.14
CA ASN B 186 -2.15 9.56 1.08
C ASN B 186 -2.40 11.05 1.29
N SER B 187 -2.68 11.78 0.23
CA SER B 187 -2.89 13.23 0.34
C SER B 187 -4.32 13.68 0.30
N ILE B 188 -5.21 12.82 -0.17
CA ILE B 188 -6.59 13.21 -0.18
C ILE B 188 -7.06 12.85 1.21
N LEU B 189 -6.28 11.99 1.86
CA LEU B 189 -6.59 11.50 3.20
C LEU B 189 -6.01 12.33 4.31
N THR B 190 -4.92 13.02 4.06
CA THR B 190 -4.34 13.86 5.10
C THR B 190 -5.05 15.21 5.08
N THR B 191 -5.65 15.52 3.95
CA THR B 191 -6.35 16.79 3.81
C THR B 191 -7.70 16.76 4.51
N HIS B 192 -8.46 15.69 4.28
CA HIS B 192 -9.79 15.55 4.86
C HIS B 192 -9.83 15.36 6.35
N THR B 193 -8.80 14.72 6.86
CA THR B 193 -8.70 14.45 8.29
C THR B 193 -8.12 15.63 9.06
N THR B 194 -7.28 16.41 8.40
CA THR B 194 -6.65 17.56 9.05
C THR B 194 -7.48 18.82 8.84
N LEU B 195 -8.22 18.87 7.74
CA LEU B 195 -9.05 20.02 7.37
C LEU B 195 -9.86 20.61 8.50
N GLU B 196 -10.50 19.73 9.24
CA GLU B 196 -11.36 20.12 10.35
C GLU B 196 -10.56 20.25 11.65
N HIS B 197 -9.26 20.49 11.52
CA HIS B 197 -8.39 20.59 12.69
C HIS B 197 -7.30 21.66 12.63
N SER B 198 -6.89 22.06 11.44
CA SER B 198 -5.86 23.08 11.30
C SER B 198 -6.41 24.49 11.34
N ASP B 199 -5.51 25.43 11.57
CA ASP B 199 -5.88 26.84 11.63
C ASP B 199 -5.55 27.48 10.29
N CYS B 200 -4.31 27.25 9.84
CA CYS B 200 -3.81 27.77 8.58
C CYS B 200 -2.79 26.77 8.12
N ALA B 201 -2.96 26.26 6.91
CA ALA B 201 -2.02 25.30 6.38
C ALA B 201 -1.16 25.92 5.29
N PHE B 202 0.13 26.11 5.58
CA PHE B 202 1.04 26.67 4.59
C PHE B 202 1.41 25.58 3.61
N MET B 203 1.60 25.96 2.36
CA MET B 203 1.95 24.98 1.36
C MET B 203 3.14 25.39 0.52
N VAL B 204 4.04 24.44 0.33
CA VAL B 204 5.26 24.63 -0.45
C VAL B 204 5.39 23.40 -1.36
N ASP B 205 5.25 23.65 -2.65
CA ASP B 205 5.30 22.60 -3.66
C ASP B 205 6.72 22.18 -3.99
N ASN B 206 7.03 20.92 -3.74
CA ASN B 206 8.38 20.41 -4.01
C ASN B 206 8.88 20.69 -5.43
N GLU B 207 8.09 20.38 -6.46
CA GLU B 207 8.50 20.63 -7.85
C GLU B 207 8.65 22.11 -8.17
N ALA B 208 7.57 22.86 -7.97
CA ALA B 208 7.58 24.29 -8.23
C ALA B 208 8.70 25.04 -7.51
N ILE B 209 9.45 24.33 -6.66
CA ILE B 209 10.57 24.93 -5.96
C ILE B 209 11.81 24.63 -6.81
N TYR B 210 11.77 23.51 -7.51
CA TYR B 210 12.88 23.14 -8.37
C TYR B 210 13.03 24.19 -9.45
N ASP B 211 11.90 24.58 -10.01
CA ASP B 211 11.92 25.59 -11.05
C ASP B 211 12.73 26.74 -10.54
N ILE B 212 12.42 27.18 -9.33
CA ILE B 212 13.15 28.28 -8.73
C ILE B 212 14.65 27.98 -8.69
N CYS B 213 15.01 26.72 -8.52
CA CYS B 213 16.42 26.33 -8.45
C CYS B 213 17.05 26.23 -9.83
N ARG B 214 16.20 26.12 -10.84
CA ARG B 214 16.67 26.05 -12.21
C ARG B 214 16.65 27.45 -12.81
N ARG B 215 15.50 28.11 -12.70
CA ARG B 215 15.28 29.45 -13.27
C ARG B 215 15.74 30.64 -12.46
N ASN B 216 15.68 30.54 -11.13
CA ASN B 216 16.08 31.67 -10.30
C ASN B 216 17.25 31.41 -9.39
N LEU B 217 18.27 30.74 -9.90
CA LEU B 217 19.42 30.44 -9.06
C LEU B 217 20.37 29.60 -9.89
N ASP B 218 19.81 28.96 -10.91
CA ASP B 218 20.57 28.14 -11.83
C ASP B 218 21.38 27.02 -11.17
N ILE B 219 20.87 25.81 -11.28
CA ILE B 219 21.52 24.61 -10.74
C ILE B 219 20.65 23.39 -11.05
N GLU B 220 21.19 22.44 -11.81
CA GLU B 220 20.44 21.24 -12.14
C GLU B 220 20.85 20.17 -11.14
N ARG B 221 21.59 20.62 -10.13
CA ARG B 221 22.09 19.78 -9.05
C ARG B 221 21.42 20.19 -7.72
N PRO B 222 20.08 20.18 -7.67
CA PRO B 222 19.46 20.56 -6.41
C PRO B 222 19.20 19.35 -5.52
N THR B 223 19.97 19.24 -4.44
CA THR B 223 19.79 18.14 -3.52
C THR B 223 18.61 18.48 -2.65
N TYR B 224 17.94 17.48 -2.10
CA TYR B 224 16.81 17.71 -1.23
C TYR B 224 17.28 18.71 -0.21
N THR B 225 18.53 18.55 0.21
CA THR B 225 19.13 19.43 1.19
C THR B 225 19.04 20.91 0.79
N ASN B 226 18.62 21.19 -0.43
CA ASN B 226 18.49 22.57 -0.86
C ASN B 226 17.08 23.05 -0.68
N LEU B 227 16.13 22.34 -1.28
CA LEU B 227 14.74 22.72 -1.17
C LEU B 227 14.50 22.98 0.29
N ASN B 228 15.14 22.18 1.13
CA ASN B 228 14.99 22.33 2.56
C ASN B 228 15.54 23.68 3.04
N ARG B 229 16.67 24.10 2.47
CA ARG B 229 17.29 25.37 2.83
C ARG B 229 16.38 26.49 2.45
N LEU B 230 15.61 26.25 1.40
CA LEU B 230 14.68 27.24 0.91
C LEU B 230 13.51 27.36 1.85
N ILE B 231 12.71 26.32 1.95
CA ILE B 231 11.57 26.41 2.87
C ILE B 231 12.21 26.84 4.18
N GLY B 232 13.38 26.28 4.44
CA GLY B 232 14.13 26.58 5.64
C GLY B 232 14.31 28.07 5.77
N GLN B 233 14.06 28.79 4.67
CA GLN B 233 14.16 30.24 4.64
C GLN B 233 12.79 30.85 4.82
N ILE B 234 11.90 30.56 3.87
CA ILE B 234 10.53 31.07 3.92
C ILE B 234 9.93 30.86 5.29
N VAL B 235 10.26 29.73 5.92
CA VAL B 235 9.76 29.43 7.25
C VAL B 235 10.37 30.36 8.28
N SER B 236 11.66 30.65 8.12
CA SER B 236 12.33 31.52 9.07
C SER B 236 11.66 32.86 9.12
N SER B 237 11.04 33.23 8.02
CA SER B 237 10.34 34.49 7.88
C SER B 237 8.99 34.47 8.60
N ILE B 238 8.45 33.27 8.74
CA ILE B 238 7.18 33.10 9.41
C ILE B 238 7.44 33.28 10.90
N THR B 239 7.79 32.19 11.58
CA THR B 239 8.04 32.21 13.02
C THR B 239 9.25 33.03 13.41
N ALA B 240 10.41 32.40 13.39
CA ALA B 240 11.66 33.04 13.78
C ALA B 240 11.56 34.56 13.95
N SER B 241 11.82 35.27 12.86
CA SER B 241 11.83 36.73 12.80
C SER B 241 10.55 37.43 13.21
N LEU B 242 9.40 36.86 12.88
CA LEU B 242 8.15 37.50 13.22
C LEU B 242 7.91 37.52 14.73
N ARG B 243 8.10 36.37 15.37
CA ARG B 243 7.95 36.27 16.81
C ARG B 243 9.04 37.14 17.43
N PHE B 244 9.85 37.72 16.54
CA PHE B 244 10.97 38.60 16.88
C PHE B 244 10.50 40.06 16.65
N ASP B 245 10.78 40.92 17.64
CA ASP B 245 10.41 42.34 17.59
C ASP B 245 10.63 42.97 16.23
N GLY B 246 9.92 44.07 15.97
CA GLY B 246 10.06 44.73 14.69
C GLY B 246 9.20 45.98 14.62
N ALA B 247 9.20 46.62 13.44
CA ALA B 247 8.43 47.85 13.26
C ALA B 247 6.96 47.61 12.94
N LEU B 248 6.58 46.34 12.73
CA LEU B 248 5.19 46.00 12.43
C LEU B 248 4.82 44.55 12.77
N ASN B 249 5.26 44.09 13.94
CA ASN B 249 5.03 42.73 14.41
C ASN B 249 3.73 42.08 13.93
N VAL B 250 3.81 40.77 13.78
CA VAL B 250 2.67 39.95 13.35
C VAL B 250 2.68 38.61 14.09
N ASP B 251 1.76 38.47 15.03
CA ASP B 251 1.62 37.27 15.85
C ASP B 251 1.14 36.07 14.99
N LEU B 252 1.24 34.85 15.52
CA LEU B 252 0.78 33.70 14.76
C LEU B 252 -0.70 33.82 14.56
N THR B 253 -1.42 34.10 15.64
CA THR B 253 -2.86 34.25 15.52
C THR B 253 -3.06 35.18 14.32
N GLU B 254 -2.44 36.35 14.38
CA GLU B 254 -2.53 37.34 13.31
C GLU B 254 -2.78 36.68 11.96
N PHE B 255 -1.92 35.72 11.62
CA PHE B 255 -2.05 35.02 10.37
C PHE B 255 -3.45 34.55 10.16
N GLN B 256 -3.74 33.36 10.68
CA GLN B 256 -5.06 32.78 10.52
C GLN B 256 -6.15 33.85 10.48
N THR B 257 -6.06 34.89 11.31
CA THR B 257 -7.07 35.94 11.30
C THR B 257 -7.03 36.69 9.99
N ASN B 258 -5.89 37.33 9.70
CA ASN B 258 -5.73 38.11 8.49
C ASN B 258 -5.57 37.23 7.25
N LEU B 259 -5.42 35.92 7.45
CA LEU B 259 -5.21 34.99 6.33
C LEU B 259 -6.29 33.97 5.93
N VAL B 260 -7.18 33.61 6.85
CA VAL B 260 -8.21 32.66 6.46
C VAL B 260 -9.58 33.34 6.47
N PRO B 261 -10.27 33.31 5.33
CA PRO B 261 -11.58 33.93 5.29
C PRO B 261 -12.59 32.95 5.79
N TYR B 262 -12.26 31.66 5.69
CA TYR B 262 -13.22 30.64 6.12
C TYR B 262 -12.64 29.40 6.80
N PRO B 263 -13.32 28.92 7.84
CA PRO B 263 -12.98 27.76 8.65
C PRO B 263 -12.21 26.63 8.00
N ARG B 264 -12.42 26.39 6.71
CA ARG B 264 -11.65 25.32 6.08
C ARG B 264 -10.21 25.73 6.43
N ALA B 265 -9.45 24.81 7.02
CA ALA B 265 -8.07 25.07 7.42
C ALA B 265 -7.22 25.70 6.34
N HIS B 266 -7.90 26.49 5.51
CA HIS B 266 -7.34 27.16 4.36
C HIS B 266 -5.85 27.16 4.26
N PHE B 267 -5.43 26.90 3.02
CA PHE B 267 -4.05 26.75 2.71
C PHE B 267 -3.43 27.85 1.88
N PRO B 268 -2.71 28.77 2.50
CA PRO B 268 -2.09 29.80 1.67
C PRO B 268 -0.82 29.21 1.04
N LEU B 269 -0.11 29.99 0.22
CA LEU B 269 1.11 29.55 -0.45
C LEU B 269 2.30 30.37 0.01
N ALA B 270 3.47 29.76 0.14
CA ALA B 270 4.65 30.51 0.58
C ALA B 270 5.44 31.00 -0.61
N THR B 271 5.97 32.21 -0.51
CA THR B 271 6.74 32.81 -1.60
C THR B 271 7.87 33.64 -0.99
N TYR B 272 9.01 33.67 -1.65
CA TYR B 272 10.09 34.46 -1.11
C TYR B 272 10.56 35.40 -2.20
N ALA B 273 11.11 36.56 -1.85
CA ALA B 273 11.52 37.47 -2.92
C ALA B 273 12.96 37.40 -3.40
N PRO B 274 13.92 37.87 -2.58
CA PRO B 274 15.31 37.80 -3.09
C PRO B 274 15.84 36.40 -3.17
N VAL B 275 15.41 35.67 -4.20
CA VAL B 275 15.87 34.30 -4.39
C VAL B 275 16.91 34.39 -5.46
N ILE B 276 17.87 35.30 -5.27
CA ILE B 276 18.93 35.45 -6.26
C ILE B 276 20.13 34.57 -5.89
N SER B 277 20.91 34.19 -6.89
CA SER B 277 22.07 33.33 -6.71
C SER B 277 23.32 33.99 -6.14
N ALA B 278 23.93 33.41 -5.11
CA ALA B 278 25.12 34.01 -4.51
C ALA B 278 26.39 33.65 -5.26
N GLU B 279 26.39 33.89 -6.56
CA GLU B 279 27.56 33.60 -7.36
C GLU B 279 27.39 34.22 -8.71
N LYS B 280 26.37 33.76 -9.41
CA LYS B 280 26.09 34.23 -10.75
C LYS B 280 25.90 35.72 -10.82
N ALA B 281 24.65 36.11 -11.02
CA ALA B 281 24.27 37.50 -11.14
C ALA B 281 24.43 38.24 -9.83
N TYR B 282 24.47 39.56 -9.93
CA TYR B 282 24.56 40.39 -8.75
C TYR B 282 24.07 41.78 -8.92
N HIS B 283 22.79 41.90 -8.62
CA HIS B 283 22.14 43.19 -8.68
C HIS B 283 21.60 43.31 -7.26
N GLU B 284 21.87 42.29 -6.43
CA GLU B 284 21.43 42.26 -5.02
C GLU B 284 20.62 43.50 -4.62
N GLN B 285 21.27 44.65 -4.52
CA GLN B 285 20.63 45.93 -4.16
C GLN B 285 19.41 46.13 -5.02
N LEU B 286 18.33 45.47 -4.62
CA LEU B 286 17.10 45.51 -5.36
C LEU B 286 15.99 46.10 -4.48
N SER B 287 16.05 47.41 -4.26
CA SER B 287 15.08 48.10 -3.41
C SER B 287 13.71 47.46 -3.40
N VAL B 288 13.05 47.61 -2.26
CA VAL B 288 11.71 47.09 -2.03
C VAL B 288 10.91 47.05 -3.32
N ALA B 289 10.64 48.23 -3.86
CA ALA B 289 9.89 48.38 -5.08
C ALA B 289 10.09 47.22 -6.04
N GLU B 290 11.23 46.53 -5.96
CA GLU B 290 11.51 45.41 -6.84
C GLU B 290 11.15 44.06 -6.24
N ILE B 291 11.73 43.76 -5.09
CA ILE B 291 11.49 42.49 -4.40
C ILE B 291 10.01 42.15 -4.15
N THR B 292 9.15 43.16 -4.11
CA THR B 292 7.74 42.94 -3.87
C THR B 292 7.04 42.59 -5.16
N ASN B 293 7.53 43.10 -6.25
CA ASN B 293 6.90 42.81 -7.52
C ASN B 293 7.31 41.39 -7.89
N ALA B 294 8.47 40.98 -7.38
CA ALA B 294 9.02 39.65 -7.66
C ALA B 294 8.31 38.55 -6.92
N CYS B 295 7.29 38.90 -6.16
CA CYS B 295 6.55 37.90 -5.42
C CYS B 295 5.35 37.44 -6.19
N PHE B 296 4.71 38.36 -6.90
CA PHE B 296 3.52 38.01 -7.66
C PHE B 296 3.75 37.37 -9.03
N GLU B 297 4.97 37.45 -9.55
CA GLU B 297 5.23 36.78 -10.81
C GLU B 297 5.18 35.32 -10.40
N PRO B 298 4.35 34.52 -11.06
CA PRO B 298 4.20 33.11 -10.74
C PRO B 298 5.46 32.23 -10.71
N ALA B 299 6.55 32.67 -11.32
CA ALA B 299 7.75 31.87 -11.33
C ALA B 299 8.60 32.10 -10.12
N ASN B 300 7.99 32.14 -8.94
CA ASN B 300 8.80 32.36 -7.76
C ASN B 300 7.98 32.11 -6.51
N GLN B 301 7.13 31.10 -6.56
CA GLN B 301 6.26 30.90 -5.42
C GLN B 301 6.21 29.57 -4.70
N MET B 302 7.23 28.75 -4.87
CA MET B 302 7.24 27.49 -4.16
C MET B 302 5.89 26.77 -4.24
N VAL B 303 5.26 26.78 -5.41
CA VAL B 303 3.99 26.10 -5.61
C VAL B 303 3.53 26.18 -7.05
N LYS B 304 3.29 25.01 -7.64
CA LYS B 304 2.86 24.89 -9.03
C LYS B 304 1.39 25.25 -9.16
N CYS B 305 1.04 26.39 -8.58
CA CYS B 305 -0.34 26.85 -8.61
C CYS B 305 -0.39 28.20 -9.29
N ASP B 306 0.46 28.38 -10.29
CA ASP B 306 0.55 29.61 -11.08
C ASP B 306 -0.81 30.31 -11.04
N PRO B 307 -0.86 31.61 -10.66
CA PRO B 307 -2.14 32.31 -10.59
C PRO B 307 -2.88 32.31 -11.94
N ARG B 308 -3.16 31.09 -12.39
CA ARG B 308 -3.84 30.78 -13.64
C ARG B 308 -5.22 31.40 -13.71
N HIS B 309 -5.67 31.93 -12.57
CA HIS B 309 -6.98 32.58 -12.47
C HIS B 309 -7.28 32.88 -11.01
N GLY B 310 -6.71 32.06 -10.14
CA GLY B 310 -6.92 32.20 -8.72
C GLY B 310 -6.72 33.61 -8.20
N LYS B 311 -7.82 34.23 -7.80
CA LYS B 311 -7.80 35.57 -7.26
C LYS B 311 -7.29 35.51 -5.84
N TYR B 312 -6.32 36.34 -5.53
CA TYR B 312 -5.80 36.36 -4.17
C TYR B 312 -7.00 36.80 -3.34
N MET B 313 -6.98 36.51 -2.04
CA MET B 313 -8.06 36.92 -1.17
C MET B 313 -7.48 37.40 0.15
N ALA B 314 -6.17 37.42 0.23
CA ALA B 314 -5.49 37.87 1.44
C ALA B 314 -4.02 37.46 1.36
N CYS B 315 -3.14 38.44 1.51
CA CYS B 315 -1.71 38.20 1.47
C CYS B 315 -1.08 38.81 2.70
N CYS B 316 -0.08 38.12 3.25
CA CYS B 316 0.60 38.60 4.44
C CYS B 316 2.03 38.88 4.07
N LEU B 317 2.28 40.07 3.57
CA LEU B 317 3.61 40.42 3.15
C LEU B 317 4.57 40.63 4.29
N LEU B 318 5.31 39.58 4.65
CA LEU B 318 6.28 39.68 5.71
C LEU B 318 7.61 40.14 5.15
N TYR B 319 8.02 41.33 5.54
CA TYR B 319 9.28 41.90 5.10
C TYR B 319 10.24 41.79 6.24
N ARG B 320 11.53 41.85 5.93
CA ARG B 320 12.56 41.77 6.94
C ARG B 320 13.77 42.50 6.40
N GLY B 321 14.50 43.19 7.28
CA GLY B 321 15.66 43.92 6.83
C GLY B 321 15.37 45.41 6.78
N ASP B 322 16.16 46.16 6.02
CA ASP B 322 15.97 47.61 5.92
C ASP B 322 14.84 47.99 4.97
N VAL B 323 13.67 48.28 5.55
CA VAL B 323 12.48 48.65 4.78
C VAL B 323 11.70 49.82 5.41
N VAL B 324 11.48 50.86 4.60
CA VAL B 324 10.75 52.05 5.01
C VAL B 324 9.27 51.81 4.78
N PRO B 325 8.48 51.86 5.84
CA PRO B 325 7.04 51.65 5.77
C PRO B 325 6.33 52.34 4.61
N LYS B 326 6.85 53.48 4.18
CA LYS B 326 6.24 54.19 3.06
C LYS B 326 6.60 53.42 1.80
N ASP B 327 7.84 52.96 1.73
CA ASP B 327 8.29 52.19 0.59
C ASP B 327 7.29 51.08 0.35
N VAL B 328 6.84 50.46 1.44
CA VAL B 328 5.87 49.39 1.38
C VAL B 328 4.50 49.97 1.09
N ASN B 329 4.05 50.87 1.96
CA ASN B 329 2.76 51.53 1.81
C ASN B 329 2.86 52.43 0.59
N ALA B 330 3.30 51.82 -0.52
CA ALA B 330 3.45 52.48 -1.81
C ALA B 330 3.72 51.40 -2.84
N ALA B 331 4.69 50.55 -2.53
CA ALA B 331 5.04 49.43 -3.40
C ALA B 331 3.81 48.54 -3.49
N ILE B 332 3.06 48.49 -2.40
CA ILE B 332 1.85 47.69 -2.35
C ILE B 332 0.72 48.46 -3.04
N ALA B 333 0.72 49.77 -2.88
CA ALA B 333 -0.29 50.62 -3.50
C ALA B 333 -0.21 50.44 -4.99
N THR B 334 1.01 50.52 -5.52
CA THR B 334 1.23 50.33 -6.95
C THR B 334 0.61 49.01 -7.41
N ILE B 335 0.81 47.98 -6.59
CA ILE B 335 0.28 46.67 -6.88
C ILE B 335 -1.24 46.69 -6.85
N LYS B 336 -1.82 47.15 -5.74
CA LYS B 336 -3.27 47.20 -5.61
C LYS B 336 -3.94 47.75 -6.86
N THR B 337 -3.18 48.43 -7.70
CA THR B 337 -3.74 49.02 -8.91
C THR B 337 -3.16 48.48 -10.21
N LYS B 338 -2.72 47.22 -10.19
CA LYS B 338 -2.16 46.59 -11.38
C LYS B 338 -3.28 45.79 -12.06
N ARG B 339 -4.36 45.62 -11.30
CA ARG B 339 -5.57 44.91 -11.74
C ARG B 339 -5.35 43.51 -12.32
N THR B 340 -4.33 43.35 -13.14
CA THR B 340 -4.04 42.05 -13.71
C THR B 340 -3.69 41.10 -12.57
N ILE B 341 -3.71 41.64 -11.35
CA ILE B 341 -3.41 40.88 -10.14
C ILE B 341 -4.71 40.68 -9.36
N GLN B 342 -5.82 40.95 -10.03
CA GLN B 342 -7.19 40.81 -9.51
C GLN B 342 -7.36 40.11 -8.15
N PHE B 343 -7.77 40.87 -7.14
CA PHE B 343 -8.04 40.36 -5.79
C PHE B 343 -9.53 40.05 -5.71
N VAL B 344 -9.92 39.22 -4.75
CA VAL B 344 -11.32 38.89 -4.65
C VAL B 344 -12.19 40.13 -4.56
N ASP B 345 -13.48 39.95 -4.78
CA ASP B 345 -14.45 41.03 -4.73
C ASP B 345 -14.71 41.44 -3.30
N TRP B 346 -15.34 40.53 -2.56
CA TRP B 346 -15.70 40.75 -1.17
C TRP B 346 -14.53 41.16 -0.32
N CYS B 347 -13.41 41.49 -0.95
CA CYS B 347 -12.26 41.89 -0.20
C CYS B 347 -11.70 43.20 -0.70
N PRO B 348 -11.93 44.27 0.05
CA PRO B 348 -11.44 45.60 -0.30
C PRO B 348 -9.95 45.59 -0.34
N THR B 349 -9.40 45.47 0.86
CA THR B 349 -7.96 45.41 1.10
C THR B 349 -7.62 44.13 1.84
N GLY B 350 -6.71 43.39 1.24
CA GLY B 350 -6.23 42.11 1.78
C GLY B 350 -4.71 42.07 1.68
N PHE B 351 -4.09 42.94 2.47
CA PHE B 351 -2.63 43.07 2.49
C PHE B 351 -2.13 43.37 3.90
N LYS B 352 -1.73 42.30 4.57
CA LYS B 352 -1.17 42.37 5.92
C LYS B 352 0.33 42.59 5.80
N VAL B 353 0.73 43.83 6.05
CA VAL B 353 2.14 44.23 5.95
C VAL B 353 2.85 43.98 7.28
N GLY B 354 3.72 42.98 7.23
CA GLY B 354 4.53 42.57 8.37
C GLY B 354 5.99 42.98 8.14
N ILE B 355 6.44 43.87 8.99
CA ILE B 355 7.80 44.41 8.92
C ILE B 355 8.62 44.00 10.13
N ASN B 356 9.74 43.40 9.82
CA ASN B 356 10.73 42.97 10.81
C ASN B 356 11.98 43.82 10.59
N TYR B 357 12.92 43.70 11.50
CA TYR B 357 14.14 44.50 11.41
C TYR B 357 15.30 43.71 10.79
N GLU B 358 15.85 42.82 11.59
CA GLU B 358 16.99 41.98 11.19
C GLU B 358 16.81 41.43 9.77
N PRO B 359 17.73 41.74 8.84
CA PRO B 359 17.66 41.22 7.49
C PRO B 359 17.72 39.71 7.49
N PRO B 360 17.51 39.02 6.35
CA PRO B 360 17.57 37.55 6.31
C PRO B 360 18.96 37.05 6.73
N THR B 361 19.13 35.73 6.74
CA THR B 361 20.41 35.16 7.10
C THR B 361 20.64 33.90 6.30
N VAL B 362 21.44 34.05 5.26
CA VAL B 362 21.76 32.98 4.34
C VAL B 362 22.86 32.06 4.82
N VAL B 363 22.72 30.79 4.45
CA VAL B 363 23.71 29.78 4.80
C VAL B 363 25.06 30.33 4.37
N PRO B 364 26.08 30.17 5.22
CA PRO B 364 27.45 30.65 4.96
C PRO B 364 27.92 30.46 3.53
N GLY B 365 27.63 29.29 2.97
CA GLY B 365 28.07 29.01 1.62
C GLY B 365 27.25 28.03 0.84
N GLY B 366 25.93 28.17 0.92
CA GLY B 366 25.05 27.28 0.16
C GLY B 366 24.99 27.79 -1.27
N ASP B 367 23.92 28.49 -1.61
CA ASP B 367 23.74 29.05 -2.93
C ASP B 367 22.75 30.20 -2.93
N LEU B 368 22.35 30.62 -1.72
CA LEU B 368 21.42 31.74 -1.56
C LEU B 368 22.20 33.05 -1.57
N ALA B 369 21.78 33.95 -2.44
CA ALA B 369 22.42 35.26 -2.59
C ALA B 369 22.96 35.87 -1.30
N LYS B 370 22.05 36.42 -0.52
CA LYS B 370 22.29 37.09 0.76
C LYS B 370 22.12 38.60 0.56
N VAL B 371 20.86 39.01 0.57
CA VAL B 371 20.47 40.39 0.38
C VAL B 371 20.29 41.03 1.75
N GLN B 372 19.90 42.30 1.76
CA GLN B 372 19.66 43.02 3.01
C GLN B 372 18.20 43.41 3.11
N ARG B 373 17.34 42.50 2.68
CA ARG B 373 15.91 42.69 2.72
C ARG B 373 15.25 41.63 1.85
N ALA B 374 14.11 41.11 2.31
CA ALA B 374 13.39 40.08 1.60
C ALA B 374 11.91 40.16 1.88
N VAL B 375 11.12 39.48 1.05
CA VAL B 375 9.66 39.45 1.15
C VAL B 375 9.11 38.04 1.09
N CYS B 376 8.75 37.51 2.26
CA CYS B 376 8.17 36.17 2.35
C CYS B 376 6.67 36.38 2.41
N MET B 377 6.05 36.49 1.24
CA MET B 377 4.64 36.72 1.16
C MET B 377 3.94 35.40 0.97
N LEU B 378 2.92 35.19 1.78
CA LEU B 378 2.13 33.99 1.70
C LEU B 378 0.71 34.46 1.48
N SER B 379 -0.13 33.59 0.96
CA SER B 379 -1.51 34.00 0.67
C SER B 379 -2.46 32.88 0.30
N ASN B 380 -3.74 33.22 0.38
CA ASN B 380 -4.79 32.29 0.01
C ASN B 380 -5.18 32.78 -1.37
N THR B 381 -5.11 31.88 -2.35
CA THR B 381 -5.43 32.22 -3.72
C THR B 381 -6.42 31.22 -4.26
N THR B 382 -7.47 31.73 -4.90
CA THR B 382 -8.48 30.88 -5.51
C THR B 382 -7.80 29.97 -6.50
N ALA B 383 -6.48 30.11 -6.57
CA ALA B 383 -5.68 29.34 -7.47
C ALA B 383 -5.66 27.89 -7.14
N ILE B 384 -5.45 27.56 -5.87
CA ILE B 384 -5.39 26.17 -5.48
C ILE B 384 -6.62 25.38 -5.95
N ALA B 385 -7.65 26.11 -6.41
CA ALA B 385 -8.85 25.46 -6.94
C ALA B 385 -8.29 24.43 -7.89
N GLU B 386 -7.20 24.82 -8.55
CA GLU B 386 -6.48 23.96 -9.47
C GLU B 386 -5.85 22.85 -8.65
N ALA B 387 -4.61 23.10 -8.23
CA ALA B 387 -3.81 22.16 -7.43
C ALA B 387 -4.60 21.06 -6.71
N TRP B 388 -5.72 21.41 -6.09
CA TRP B 388 -6.54 20.41 -5.40
C TRP B 388 -7.20 19.56 -6.46
N ALA B 389 -7.82 20.24 -7.42
CA ALA B 389 -8.49 19.57 -8.54
C ALA B 389 -7.56 18.49 -9.09
N ARG B 390 -6.49 18.93 -9.73
CA ARG B 390 -5.49 18.05 -10.32
C ARG B 390 -5.01 16.92 -9.42
N LEU B 391 -5.17 17.07 -8.12
CA LEU B 391 -4.69 16.07 -7.19
C LEU B 391 -5.81 15.14 -6.81
N ASP B 392 -7.01 15.65 -6.94
CA ASP B 392 -8.20 14.88 -6.61
C ASP B 392 -8.43 13.90 -7.74
N HIS B 393 -8.44 14.44 -8.96
CA HIS B 393 -8.62 13.66 -10.17
C HIS B 393 -7.71 12.44 -10.09
N LYS B 394 -6.43 12.67 -9.85
CA LYS B 394 -5.44 11.60 -9.68
C LYS B 394 -6.10 10.44 -8.94
N PHE B 395 -6.42 10.73 -7.69
CA PHE B 395 -7.06 9.81 -6.75
C PHE B 395 -8.10 8.91 -7.43
N ASP B 396 -9.13 9.54 -7.97
CA ASP B 396 -10.20 8.83 -8.65
C ASP B 396 -9.67 7.76 -9.58
N LEU B 397 -8.88 8.19 -10.55
CA LEU B 397 -8.33 7.26 -11.51
C LEU B 397 -7.98 5.93 -10.86
N MET B 398 -7.22 5.99 -9.78
CA MET B 398 -6.80 4.78 -9.07
C MET B 398 -7.91 4.13 -8.28
N TYR B 399 -8.61 4.94 -7.48
CA TYR B 399 -9.70 4.42 -6.69
C TYR B 399 -10.68 3.75 -7.65
N ALA B 400 -10.88 4.38 -8.79
CA ALA B 400 -11.77 3.88 -9.79
C ALA B 400 -11.48 2.41 -10.08
N LYS B 401 -10.29 1.95 -9.71
CA LYS B 401 -9.89 0.55 -9.93
C LYS B 401 -9.39 -0.09 -8.65
N ARG B 402 -9.56 0.66 -7.56
CA ARG B 402 -9.16 0.19 -6.25
C ARG B 402 -7.64 0.10 -6.10
N ALA B 403 -6.94 0.18 -7.22
CA ALA B 403 -5.49 0.08 -7.21
C ALA B 403 -5.00 -0.44 -5.87
N PHE B 404 -4.10 0.30 -5.22
CA PHE B 404 -3.53 -0.16 -3.96
C PHE B 404 -4.47 -0.03 -2.79
N VAL B 405 -5.73 -0.39 -2.98
CA VAL B 405 -6.67 -0.27 -1.89
C VAL B 405 -6.44 -1.37 -0.87
N HIS B 406 -6.24 -2.60 -1.33
CA HIS B 406 -6.06 -3.68 -0.37
C HIS B 406 -4.97 -3.40 0.64
N TRP B 407 -4.16 -2.39 0.38
CA TRP B 407 -3.07 -2.08 1.28
C TRP B 407 -3.53 -1.31 2.46
N TYR B 408 -4.66 -0.63 2.34
CA TYR B 408 -5.16 0.16 3.45
C TYR B 408 -6.19 -0.63 4.20
N VAL B 409 -7.14 -1.19 3.46
CA VAL B 409 -8.20 -1.98 4.07
C VAL B 409 -7.58 -2.91 5.08
N GLY B 410 -6.60 -3.67 4.61
CA GLY B 410 -5.91 -4.61 5.48
C GLY B 410 -5.16 -3.89 6.57
N GLU B 411 -5.43 -2.60 6.70
CA GLU B 411 -4.75 -1.81 7.72
C GLU B 411 -5.74 -0.98 8.52
N GLY B 412 -6.95 -1.50 8.69
CA GLY B 412 -7.94 -0.79 9.49
C GLY B 412 -8.48 0.48 8.90
N MET B 413 -9.08 0.34 7.72
CA MET B 413 -9.70 1.44 6.98
C MET B 413 -10.85 0.76 6.27
N GLU B 414 -11.59 1.49 5.45
CA GLU B 414 -12.71 0.89 4.79
C GLU B 414 -13.05 1.62 3.52
N GLU B 415 -13.99 1.08 2.75
CA GLU B 415 -14.43 1.75 1.53
C GLU B 415 -14.98 3.09 1.96
N GLY B 416 -15.29 3.18 3.26
CA GLY B 416 -15.83 4.41 3.80
C GLY B 416 -14.79 5.51 3.72
N GLU B 417 -13.82 5.45 4.61
CA GLU B 417 -12.78 6.47 4.66
C GLU B 417 -12.31 7.00 3.33
N PHE B 418 -12.21 6.15 2.31
CA PHE B 418 -11.77 6.65 1.02
C PHE B 418 -12.92 7.43 0.39
N SER B 419 -13.95 6.72 -0.05
CA SER B 419 -15.10 7.35 -0.65
C SER B 419 -15.63 8.54 0.13
N GLU B 420 -15.57 8.45 1.45
CA GLU B 420 -16.09 9.53 2.27
C GLU B 420 -15.12 10.66 2.50
N ALA B 421 -13.88 10.51 2.02
CA ALA B 421 -12.86 11.56 2.14
C ALA B 421 -12.68 12.18 0.78
N ARG B 422 -13.26 11.51 -0.20
CA ARG B 422 -13.23 11.98 -1.56
C ARG B 422 -14.34 13.01 -1.60
N GLU B 423 -15.54 12.60 -1.17
CA GLU B 423 -16.67 13.51 -1.11
C GLU B 423 -16.21 14.74 -0.34
N ASP B 424 -15.39 14.51 0.68
CA ASP B 424 -14.86 15.59 1.52
C ASP B 424 -14.25 16.66 0.64
N MET B 425 -13.11 16.34 0.03
CA MET B 425 -12.44 17.29 -0.82
C MET B 425 -13.34 17.84 -1.91
N ALA B 426 -14.28 17.02 -2.40
CA ALA B 426 -15.19 17.50 -3.44
C ALA B 426 -15.68 18.90 -3.05
N ALA B 427 -16.16 19.03 -1.81
CA ALA B 427 -16.67 20.30 -1.31
C ALA B 427 -15.55 21.25 -0.93
N LEU B 428 -14.35 20.96 -1.43
CA LEU B 428 -13.19 21.80 -1.19
C LEU B 428 -12.85 22.37 -2.57
N GLU B 429 -13.40 21.72 -3.58
CA GLU B 429 -13.25 22.12 -4.97
C GLU B 429 -14.39 23.11 -5.25
N LYS B 430 -15.48 22.95 -4.51
CA LYS B 430 -16.63 23.83 -4.65
C LYS B 430 -16.40 25.04 -3.76
N ASP B 431 -15.82 24.80 -2.60
CA ASP B 431 -15.53 25.84 -1.65
C ASP B 431 -14.60 26.87 -2.27
N TYR B 432 -13.41 26.42 -2.65
CA TYR B 432 -12.41 27.29 -3.26
C TYR B 432 -12.87 27.88 -4.57
N GLU B 433 -14.06 27.46 -5.01
CA GLU B 433 -14.66 27.94 -6.24
C GLU B 433 -15.68 29.03 -5.90
N GLU B 434 -16.52 28.75 -4.92
CA GLU B 434 -17.53 29.69 -4.49
C GLU B 434 -16.97 30.97 -3.86
N VAL B 435 -16.02 30.81 -2.95
CA VAL B 435 -15.43 31.95 -2.27
C VAL B 435 -14.75 32.88 -3.26
N GLY B 436 -14.83 32.52 -4.53
CA GLY B 436 -14.23 33.35 -5.56
C GLY B 436 -14.95 33.14 -6.88
N VAL B 437 -14.37 33.64 -7.97
CA VAL B 437 -14.94 33.50 -9.30
C VAL B 437 -16.34 34.13 -9.39
N ASP B 438 -16.91 34.45 -8.23
CA ASP B 438 -18.26 35.01 -8.17
C ASP B 438 -18.32 36.32 -7.36
N SER B 439 -19.26 37.19 -7.70
CA SER B 439 -19.40 38.46 -7.01
C SER B 439 -20.81 38.69 -6.47
N ARG C 2 15.13 -2.98 11.65
CA ARG C 2 14.35 -3.97 10.87
C ARG C 2 15.23 -5.17 10.54
N GLU C 3 14.65 -6.21 9.93
CA GLU C 3 15.39 -7.43 9.58
C GLU C 3 14.74 -8.27 8.48
N ILE C 4 15.46 -9.31 8.07
CA ILE C 4 15.01 -10.27 7.04
C ILE C 4 15.81 -11.57 7.23
N VAL C 5 15.30 -12.68 6.70
CA VAL C 5 16.03 -13.95 6.79
C VAL C 5 15.99 -14.71 5.46
N HIS C 6 17.11 -14.62 4.75
CA HIS C 6 17.28 -15.24 3.45
C HIS C 6 16.95 -16.71 3.49
N ILE C 7 16.56 -17.26 2.34
CA ILE C 7 16.23 -18.68 2.23
C ILE C 7 16.75 -19.28 0.90
N GLN C 8 17.78 -20.14 0.99
CA GLN C 8 18.40 -20.80 -0.16
C GLN C 8 17.78 -22.15 -0.53
N ALA C 9 16.56 -22.13 -1.08
CA ALA C 9 15.88 -23.36 -1.45
C ALA C 9 16.43 -24.05 -2.71
N GLY C 10 16.69 -25.34 -2.60
CA GLY C 10 17.20 -26.08 -3.75
C GLY C 10 18.67 -25.85 -4.00
N GLN C 11 19.18 -26.32 -5.13
CA GLN C 11 20.59 -26.14 -5.47
C GLN C 11 20.75 -24.74 -6.01
N CYS C 12 20.05 -24.46 -7.11
CA CYS C 12 20.14 -23.14 -7.70
C CYS C 12 20.03 -22.10 -6.63
N GLY C 13 18.84 -21.99 -6.06
CA GLY C 13 18.61 -21.01 -5.01
C GLY C 13 19.78 -21.02 -4.06
N ASN C 14 20.42 -22.17 -3.95
CA ASN C 14 21.56 -22.32 -3.07
C ASN C 14 22.80 -21.74 -3.74
N GLN C 15 23.14 -22.26 -4.91
CA GLN C 15 24.30 -21.80 -5.67
C GLN C 15 24.34 -20.28 -5.62
N ILE C 16 23.18 -19.68 -5.88
CA ILE C 16 23.01 -18.23 -5.86
C ILE C 16 23.25 -17.67 -4.45
N GLY C 17 22.84 -18.43 -3.44
CA GLY C 17 23.06 -17.98 -2.09
C GLY C 17 24.52 -17.60 -1.97
N ALA C 18 25.38 -18.50 -2.42
CA ALA C 18 26.81 -18.27 -2.35
C ALA C 18 27.19 -16.98 -3.04
N LYS C 19 26.48 -16.62 -4.10
CA LYS C 19 26.81 -15.39 -4.81
C LYS C 19 26.14 -14.20 -4.17
N PHE C 20 24.92 -14.38 -3.67
CA PHE C 20 24.25 -13.28 -3.02
C PHE C 20 24.97 -12.90 -1.74
N TRP C 21 25.56 -13.90 -1.09
CA TRP C 21 26.28 -13.62 0.13
C TRP C 21 27.72 -13.26 -0.16
N GLU C 22 28.22 -13.74 -1.29
CA GLU C 22 29.57 -13.42 -1.71
C GLU C 22 29.57 -11.90 -1.75
N VAL C 23 28.65 -11.36 -2.54
CA VAL C 23 28.49 -9.92 -2.71
C VAL C 23 28.20 -9.23 -1.39
N ILE C 24 26.91 -9.18 -1.07
CA ILE C 24 26.40 -8.57 0.13
C ILE C 24 27.43 -8.39 1.25
N SER C 25 28.20 -9.44 1.52
CA SER C 25 29.20 -9.37 2.58
C SER C 25 30.18 -8.23 2.32
N ASP C 26 30.81 -8.26 1.13
CA ASP C 26 31.77 -7.24 0.71
C ASP C 26 31.09 -5.87 0.75
N GLU C 27 29.78 -5.87 0.52
CA GLU C 27 28.96 -4.66 0.55
C GLU C 27 28.60 -4.44 2.02
N HIS C 28 29.37 -5.05 2.89
CA HIS C 28 29.16 -4.94 4.33
C HIS C 28 30.43 -5.35 5.07
N GLY C 29 31.55 -5.37 4.35
CA GLY C 29 32.84 -5.72 4.93
C GLY C 29 32.95 -6.92 5.86
N ILE C 30 32.27 -8.00 5.53
CA ILE C 30 32.31 -9.20 6.34
C ILE C 30 33.10 -10.31 5.64
N ASP C 31 34.30 -10.55 6.12
CA ASP C 31 35.19 -11.57 5.57
C ASP C 31 34.69 -12.94 6.00
N PRO C 32 35.05 -14.00 5.25
CA PRO C 32 34.61 -15.36 5.57
C PRO C 32 34.00 -15.50 6.96
N THR C 33 34.85 -15.68 7.96
CA THR C 33 34.38 -15.79 9.34
C THR C 33 34.72 -14.48 10.04
N GLY C 34 35.57 -13.68 9.40
CA GLY C 34 35.98 -12.41 9.96
C GLY C 34 34.79 -11.55 10.34
N SER C 35 35.07 -10.29 10.69
CA SER C 35 34.01 -9.37 11.09
C SER C 35 33.79 -8.27 10.08
N TYR C 36 33.63 -7.06 10.62
CA TYR C 36 33.39 -5.88 9.82
C TYR C 36 34.70 -5.11 9.55
N HIS C 37 35.29 -5.35 8.38
CA HIS C 37 36.50 -4.65 7.96
C HIS C 37 36.09 -3.37 7.25
N GLY C 38 34.77 -3.25 7.05
CA GLY C 38 34.16 -2.11 6.39
C GLY C 38 35.02 -0.89 6.16
N ASP C 39 35.24 -0.58 4.89
CA ASP C 39 36.04 0.56 4.52
C ASP C 39 35.45 1.79 5.21
N SER C 40 34.15 1.75 5.46
CA SER C 40 33.46 2.84 6.12
C SER C 40 32.94 2.44 7.49
N ASP C 41 31.97 3.21 7.99
CA ASP C 41 31.38 2.98 9.30
C ASP C 41 29.87 2.86 9.15
N LEU C 42 29.38 3.17 7.95
CA LEU C 42 27.95 3.12 7.65
C LEU C 42 27.46 1.73 7.25
N GLN C 43 28.38 0.90 6.77
CA GLN C 43 28.03 -0.46 6.33
C GLN C 43 27.86 -1.37 7.55
N LEU C 44 27.53 -0.77 8.69
CA LEU C 44 27.39 -1.53 9.93
C LEU C 44 26.18 -1.19 10.79
N GLU C 45 25.78 0.07 10.78
CA GLU C 45 24.66 0.51 11.59
C GLU C 45 23.34 -0.17 11.23
N ARG C 46 23.31 -0.84 10.09
CA ARG C 46 22.09 -1.49 9.65
C ARG C 46 22.27 -2.96 9.25
N ILE C 47 23.48 -3.50 9.39
CA ILE C 47 23.73 -4.89 9.02
C ILE C 47 22.68 -5.85 9.54
N ASN C 48 22.41 -5.77 10.84
CA ASN C 48 21.43 -6.64 11.50
C ASN C 48 20.47 -7.27 10.52
N VAL C 49 19.93 -6.47 9.60
CA VAL C 49 19.01 -6.97 8.59
C VAL C 49 19.37 -8.36 8.04
N TYR C 50 20.66 -8.70 8.04
CA TYR C 50 21.12 -9.99 7.51
C TYR C 50 22.04 -10.82 8.40
N TYR C 51 22.37 -10.35 9.60
CA TYR C 51 23.28 -11.11 10.45
C TYR C 51 22.84 -11.24 11.90
N ASN C 52 23.74 -11.78 12.73
CA ASN C 52 23.47 -11.94 14.16
C ASN C 52 24.74 -11.78 15.00
N GLU C 53 24.59 -11.20 16.18
CA GLU C 53 25.71 -10.97 17.09
C GLU C 53 25.91 -12.12 18.07
N ALA C 54 27.09 -12.76 18.01
CA ALA C 54 27.41 -13.86 18.91
C ALA C 54 28.79 -13.60 19.53
N ALA C 55 29.83 -13.78 18.73
CA ALA C 55 31.19 -13.56 19.20
C ALA C 55 31.47 -12.07 19.36
N GLY C 56 31.84 -11.42 18.26
CA GLY C 56 32.14 -9.99 18.29
C GLY C 56 32.91 -9.64 17.04
N ASN C 57 33.12 -10.66 16.22
CA ASN C 57 33.84 -10.56 14.95
C ASN C 57 33.14 -11.53 14.01
N LYS C 58 32.17 -12.25 14.56
CA LYS C 58 31.43 -13.23 13.79
C LYS C 58 29.95 -12.88 13.64
N TYR C 59 29.65 -12.10 12.60
CA TYR C 59 28.29 -11.72 12.29
C TYR C 59 27.91 -12.77 11.26
N VAL C 60 27.10 -13.74 11.66
CA VAL C 60 26.72 -14.81 10.74
C VAL C 60 25.46 -14.58 9.94
N PRO C 61 25.55 -14.79 8.62
CA PRO C 61 24.39 -14.60 7.75
C PRO C 61 23.21 -15.38 8.29
N ARG C 62 22.07 -14.69 8.34
CA ARG C 62 20.84 -15.29 8.85
C ARG C 62 19.97 -15.75 7.70
N ALA C 63 20.40 -16.83 7.06
CA ALA C 63 19.69 -17.42 5.94
C ALA C 63 19.44 -18.89 6.22
N ILE C 64 18.73 -19.56 5.32
CA ILE C 64 18.48 -20.98 5.49
C ILE C 64 18.94 -21.68 4.23
N LEU C 65 19.55 -22.85 4.39
CA LEU C 65 20.03 -23.63 3.25
C LEU C 65 19.28 -24.95 3.20
N VAL C 66 18.24 -24.97 2.36
CA VAL C 66 17.38 -26.12 2.21
C VAL C 66 17.67 -26.87 0.90
N ASP C 67 17.95 -28.17 1.02
CA ASP C 67 18.26 -28.99 -0.15
C ASP C 67 18.31 -30.49 0.19
N LEU C 68 17.80 -31.30 -0.73
CA LEU C 68 17.75 -32.75 -0.57
C LEU C 68 18.92 -33.46 -1.25
N GLU C 69 19.90 -32.69 -1.69
CA GLU C 69 21.08 -33.23 -2.36
C GLU C 69 22.28 -32.77 -1.56
N PRO C 70 22.93 -33.69 -0.84
CA PRO C 70 24.08 -33.25 -0.06
C PRO C 70 25.14 -32.53 -0.91
N GLY C 71 25.80 -33.26 -1.81
CA GLY C 71 26.83 -32.68 -2.67
C GLY C 71 26.77 -31.17 -2.88
N THR C 72 25.57 -30.65 -3.12
CA THR C 72 25.39 -29.22 -3.35
C THR C 72 25.87 -28.40 -2.17
N MET C 73 25.07 -28.36 -1.10
CA MET C 73 25.43 -27.60 0.09
C MET C 73 26.84 -27.96 0.56
N ASP C 74 27.31 -29.14 0.17
CA ASP C 74 28.64 -29.61 0.52
C ASP C 74 29.69 -29.11 -0.48
N SER C 75 29.26 -28.20 -1.35
CA SER C 75 30.14 -27.59 -2.34
C SER C 75 30.16 -26.11 -1.96
N VAL C 76 29.03 -25.66 -1.45
CA VAL C 76 28.86 -24.29 -1.02
C VAL C 76 29.49 -24.15 0.36
N ARG C 77 29.49 -25.23 1.11
CA ARG C 77 30.07 -25.21 2.44
C ARG C 77 31.56 -25.61 2.43
N SER C 78 32.03 -26.11 1.30
CA SER C 78 33.43 -26.52 1.18
C SER C 78 34.27 -25.61 0.29
N GLY C 79 33.72 -24.45 -0.06
CA GLY C 79 34.45 -23.53 -0.91
C GLY C 79 34.84 -22.23 -0.24
N PRO C 80 34.64 -21.08 -0.90
CA PRO C 80 34.98 -19.77 -0.32
C PRO C 80 34.21 -19.44 0.96
N PHE C 81 33.37 -18.42 0.90
CA PHE C 81 32.58 -17.98 2.06
C PHE C 81 31.76 -19.10 2.69
N GLY C 82 31.86 -20.30 2.14
CA GLY C 82 31.09 -21.42 2.67
C GLY C 82 31.18 -21.68 4.16
N GLN C 83 32.24 -21.20 4.81
CA GLN C 83 32.40 -21.45 6.24
C GLN C 83 31.98 -20.31 7.15
N ILE C 84 30.92 -19.59 6.78
CA ILE C 84 30.41 -18.49 7.59
C ILE C 84 29.04 -18.81 8.13
N PHE C 85 28.33 -19.71 7.45
CA PHE C 85 27.01 -20.12 7.88
C PHE C 85 27.16 -21.02 9.10
N ARG C 86 26.35 -20.80 10.14
CA ARG C 86 26.41 -21.66 11.30
C ARG C 86 25.81 -22.96 10.77
N PRO C 87 26.44 -24.12 11.09
CA PRO C 87 25.95 -25.42 10.62
C PRO C 87 24.46 -25.63 10.83
N ASP C 88 23.94 -25.00 11.87
CA ASP C 88 22.53 -25.10 12.21
C ASP C 88 21.68 -24.68 10.99
N ASN C 89 22.24 -23.80 10.16
CA ASN C 89 21.57 -23.29 8.97
C ASN C 89 21.32 -24.34 7.90
N PHE C 90 22.24 -25.30 7.79
CA PHE C 90 22.13 -26.35 6.79
C PHE C 90 21.02 -27.36 7.04
N VAL C 91 19.87 -27.19 6.40
CA VAL C 91 18.80 -28.15 6.57
C VAL C 91 18.81 -29.02 5.33
N PHE C 92 19.63 -30.06 5.38
CA PHE C 92 19.80 -30.99 4.28
C PHE C 92 18.79 -32.14 4.30
N GLY C 93 18.70 -32.85 3.19
CA GLY C 93 17.81 -33.99 3.09
C GLY C 93 18.56 -35.00 2.26
N GLN C 94 19.45 -35.76 2.90
CA GLN C 94 20.27 -36.74 2.19
C GLN C 94 19.49 -37.72 1.32
N SER C 95 18.17 -37.63 1.37
CA SER C 95 17.29 -38.48 0.58
C SER C 95 17.66 -38.37 -0.91
N GLY C 96 16.80 -38.89 -1.78
CA GLY C 96 17.07 -38.78 -3.20
C GLY C 96 16.42 -37.49 -3.65
N ALA C 97 17.21 -36.43 -3.84
CA ALA C 97 16.66 -35.14 -4.24
C ALA C 97 16.04 -35.14 -5.63
N GLY C 98 15.35 -36.23 -5.98
CA GLY C 98 14.72 -36.35 -7.28
C GLY C 98 14.22 -35.05 -7.87
N ASN C 99 14.33 -34.93 -9.18
CA ASN C 99 13.92 -33.72 -9.88
C ASN C 99 12.40 -33.53 -10.00
N ASN C 100 11.69 -34.09 -9.05
CA ASN C 100 10.24 -34.01 -9.06
C ASN C 100 9.65 -33.04 -8.06
N TRP C 101 8.84 -32.11 -8.55
CA TRP C 101 8.18 -31.10 -7.72
C TRP C 101 7.45 -31.84 -6.62
N ALA C 102 6.86 -32.95 -7.01
CA ALA C 102 6.10 -33.77 -6.09
C ALA C 102 7.00 -34.45 -5.11
N LYS C 103 8.23 -34.74 -5.51
CA LYS C 103 9.14 -35.45 -4.60
C LYS C 103 9.74 -34.54 -3.54
N GLY C 104 9.68 -33.23 -3.78
CA GLY C 104 10.22 -32.30 -2.79
C GLY C 104 9.15 -31.45 -2.14
N HIS C 105 7.90 -31.73 -2.43
CA HIS C 105 6.81 -30.95 -1.87
C HIS C 105 5.84 -31.81 -1.09
N TYR C 106 5.68 -33.08 -1.48
CA TYR C 106 4.75 -33.97 -0.79
C TYR C 106 5.35 -35.18 -0.10
N THR C 107 6.35 -35.77 -0.74
CA THR C 107 6.91 -36.97 -0.19
C THR C 107 8.23 -36.87 0.49
N GLU C 108 9.22 -36.32 -0.19
CA GLU C 108 10.52 -36.23 0.43
C GLU C 108 10.68 -34.94 1.20
N GLY C 109 10.35 -33.82 0.59
CA GLY C 109 10.51 -32.53 1.27
C GLY C 109 9.62 -32.36 2.47
N ALA C 110 8.39 -32.84 2.38
CA ALA C 110 7.44 -32.70 3.47
C ALA C 110 7.98 -33.16 4.80
N GLU C 111 8.96 -34.06 4.78
CA GLU C 111 9.52 -34.55 6.02
C GLU C 111 10.52 -33.55 6.56
N LEU C 112 11.46 -33.16 5.71
CA LEU C 112 12.50 -32.22 6.06
C LEU C 112 11.98 -30.83 6.43
N VAL C 113 10.72 -30.57 6.14
CA VAL C 113 10.10 -29.28 6.40
C VAL C 113 10.11 -28.86 7.87
N ASP C 114 9.54 -29.70 8.73
CA ASP C 114 9.48 -29.40 10.15
C ASP C 114 10.86 -29.05 10.71
N SER C 115 11.89 -29.76 10.26
CA SER C 115 13.26 -29.51 10.73
C SER C 115 13.79 -28.22 10.10
N VAL C 116 12.99 -27.58 9.26
CA VAL C 116 13.39 -26.33 8.65
C VAL C 116 12.64 -25.27 9.41
N LEU C 117 11.31 -25.31 9.35
CA LEU C 117 10.48 -24.34 10.06
C LEU C 117 11.05 -24.07 11.44
N ASP C 118 11.57 -25.12 12.03
CA ASP C 118 12.19 -25.09 13.35
C ASP C 118 13.18 -23.95 13.37
N VAL C 119 14.12 -23.99 12.43
CA VAL C 119 15.13 -22.98 12.34
C VAL C 119 14.59 -21.64 11.86
N VAL C 120 13.74 -21.65 10.83
CA VAL C 120 13.17 -20.40 10.32
C VAL C 120 12.51 -19.62 11.46
N ARG C 121 12.26 -20.31 12.58
CA ARG C 121 11.67 -19.69 13.77
C ARG C 121 12.78 -19.28 14.70
N LYS C 122 13.84 -20.07 14.76
CA LYS C 122 14.97 -19.73 15.60
C LYS C 122 15.57 -18.42 15.10
N GLU C 123 15.53 -18.22 13.79
CA GLU C 123 16.09 -17.03 13.16
C GLU C 123 15.13 -15.86 13.21
N SER C 124 13.84 -16.14 13.09
CA SER C 124 12.84 -15.08 13.13
C SER C 124 12.76 -14.48 14.51
N GLU C 125 12.75 -15.34 15.51
CA GLU C 125 12.68 -14.94 16.91
C GLU C 125 14.07 -14.51 17.40
N SER C 126 14.95 -14.21 16.44
CA SER C 126 16.29 -13.76 16.75
C SER C 126 16.12 -12.59 17.68
N CYS C 127 15.97 -11.40 17.08
CA CYS C 127 15.78 -10.19 17.86
C CYS C 127 15.09 -9.08 17.07
N ASP C 128 15.03 -7.91 17.70
CA ASP C 128 14.39 -6.71 17.16
C ASP C 128 13.08 -7.05 16.46
N CYS C 129 12.86 -6.42 15.31
CA CYS C 129 11.63 -6.64 14.55
C CYS C 129 11.90 -7.19 13.16
N LEU C 130 11.20 -8.27 12.82
CA LEU C 130 11.32 -8.90 11.53
C LEU C 130 10.50 -8.16 10.47
N GLN C 131 11.08 -8.07 9.29
CA GLN C 131 10.45 -7.41 8.14
C GLN C 131 9.85 -8.45 7.19
N GLY C 132 10.71 -9.35 6.73
CA GLY C 132 10.31 -10.43 5.80
C GLY C 132 11.49 -11.37 5.53
N PHE C 133 11.25 -12.30 4.60
CA PHE C 133 12.24 -13.30 4.21
C PHE C 133 12.50 -13.27 2.69
N GLN C 134 13.78 -13.42 2.38
CA GLN C 134 14.26 -13.50 0.99
C GLN C 134 14.29 -14.98 0.59
N LEU C 135 13.81 -15.26 -0.59
CA LEU C 135 13.72 -16.64 -1.08
C LEU C 135 14.29 -16.77 -2.49
N THR C 136 15.31 -17.60 -2.58
CA THR C 136 15.99 -17.92 -3.84
C THR C 136 15.75 -19.38 -4.19
N HIS C 137 15.57 -19.61 -5.47
CA HIS C 137 15.32 -20.95 -5.99
C HIS C 137 14.99 -20.88 -7.48
N SER C 138 14.85 -22.07 -8.04
CA SER C 138 14.50 -22.25 -9.45
C SER C 138 13.21 -23.05 -9.53
N LEU C 139 12.33 -22.61 -10.42
CA LEU C 139 11.05 -23.25 -10.60
C LEU C 139 11.15 -24.39 -11.59
N GLY C 140 12.33 -24.99 -11.71
CA GLY C 140 12.52 -26.08 -12.63
C GLY C 140 13.22 -27.29 -12.02
N GLY C 141 12.77 -27.71 -10.84
CA GLY C 141 13.36 -28.85 -10.15
C GLY C 141 12.62 -29.22 -8.87
N GLY C 142 13.14 -30.21 -8.15
CA GLY C 142 12.50 -30.64 -6.92
C GLY C 142 12.74 -29.70 -5.77
N THR C 143 13.91 -29.81 -5.15
CA THR C 143 14.26 -28.97 -4.01
C THR C 143 14.02 -27.49 -4.21
N GLY C 144 13.78 -27.09 -5.45
CA GLY C 144 13.56 -25.68 -5.73
C GLY C 144 12.12 -25.30 -5.70
N SER C 145 11.40 -25.72 -6.73
CA SER C 145 9.99 -25.38 -6.86
C SER C 145 9.09 -26.05 -5.84
N GLY C 146 9.28 -27.34 -5.63
CA GLY C 146 8.45 -28.06 -4.68
C GLY C 146 8.73 -27.74 -3.24
N MET C 147 9.87 -28.20 -2.73
CA MET C 147 10.22 -27.97 -1.35
C MET C 147 10.37 -26.51 -0.91
N GLY C 148 10.79 -25.64 -1.82
CA GLY C 148 10.95 -24.24 -1.46
C GLY C 148 9.60 -23.55 -1.52
N THR C 149 8.74 -24.05 -2.38
CA THR C 149 7.42 -23.49 -2.53
C THR C 149 6.57 -23.93 -1.36
N LEU C 150 7.07 -24.92 -0.63
CA LEU C 150 6.35 -25.38 0.55
C LEU C 150 6.83 -24.52 1.71
N LEU C 151 8.14 -24.36 1.79
CA LEU C 151 8.75 -23.57 2.84
C LEU C 151 8.02 -22.28 3.00
N ILE C 152 7.57 -21.69 1.90
CA ILE C 152 6.87 -20.42 2.01
C ILE C 152 5.43 -20.59 2.45
N SER C 153 4.73 -21.55 1.86
CA SER C 153 3.34 -21.79 2.20
C SER C 153 3.19 -21.95 3.71
N LYS C 154 4.28 -22.37 4.35
CA LYS C 154 4.34 -22.56 5.80
C LYS C 154 4.73 -21.24 6.45
N ILE C 155 5.73 -20.58 5.88
CA ILE C 155 6.18 -19.30 6.39
C ILE C 155 4.97 -18.33 6.45
N ARG C 156 4.23 -18.23 5.32
CA ARG C 156 3.07 -17.35 5.20
C ARG C 156 1.85 -17.73 6.03
N GLU C 157 2.03 -18.69 6.94
CA GLU C 157 0.94 -19.14 7.79
C GLU C 157 1.40 -18.81 9.18
N GLU C 158 2.71 -18.68 9.30
CA GLU C 158 3.37 -18.38 10.56
C GLU C 158 3.55 -16.89 10.81
N TYR C 159 3.62 -16.10 9.75
CA TYR C 159 3.74 -14.66 9.93
C TYR C 159 3.14 -13.93 8.75
N PRO C 160 1.82 -14.04 8.57
CA PRO C 160 1.14 -13.37 7.44
C PRO C 160 1.28 -11.84 7.53
N ASP C 161 2.19 -11.41 8.40
CA ASP C 161 2.50 -10.00 8.60
C ASP C 161 3.80 -9.63 7.89
N ARG C 162 4.88 -10.33 8.23
CA ARG C 162 6.15 -10.05 7.60
C ARG C 162 6.04 -10.36 6.11
N ILE C 163 6.78 -9.62 5.30
CA ILE C 163 6.75 -9.80 3.84
C ILE C 163 7.50 -11.02 3.32
N MET C 164 7.36 -11.26 2.01
CA MET C 164 7.98 -12.40 1.34
C MET C 164 8.41 -12.12 -0.09
N ASN C 165 9.67 -11.75 -0.24
CA ASN C 165 10.21 -11.48 -1.55
C ASN C 165 10.65 -12.82 -2.08
N THR C 166 10.37 -13.07 -3.36
CA THR C 166 10.76 -14.32 -3.95
C THR C 166 11.58 -14.06 -5.19
N PHE C 167 12.75 -14.66 -5.25
CA PHE C 167 13.63 -14.57 -6.39
C PHE C 167 13.58 -15.92 -7.10
N SER C 168 12.78 -15.98 -8.17
CA SER C 168 12.60 -17.19 -8.95
C SER C 168 13.33 -17.16 -10.30
N VAL C 169 13.91 -18.31 -10.64
CA VAL C 169 14.60 -18.45 -11.88
C VAL C 169 13.67 -19.17 -12.85
N VAL C 170 12.61 -18.47 -13.22
CA VAL C 170 11.63 -19.00 -14.16
C VAL C 170 12.35 -19.67 -15.34
N PRO C 171 11.84 -20.81 -15.80
CA PRO C 171 12.37 -21.61 -16.91
C PRO C 171 12.60 -20.79 -18.16
N SER C 172 13.86 -20.63 -18.50
CA SER C 172 14.26 -19.88 -19.68
C SER C 172 13.62 -20.48 -20.91
N PRO C 173 13.28 -19.65 -21.90
CA PRO C 173 12.66 -20.15 -23.13
C PRO C 173 13.56 -21.00 -24.03
N LYS C 174 14.13 -20.40 -25.07
CA LYS C 174 14.99 -21.08 -26.04
C LYS C 174 15.34 -22.53 -25.68
N VAL C 175 16.05 -22.73 -24.57
CA VAL C 175 16.42 -24.08 -24.14
C VAL C 175 16.16 -24.31 -22.67
N SER C 176 15.55 -25.44 -22.34
CA SER C 176 15.24 -25.78 -20.96
C SER C 176 16.30 -26.70 -20.36
N ASP C 177 16.91 -26.23 -19.27
CA ASP C 177 17.97 -26.98 -18.60
C ASP C 177 17.47 -28.18 -17.85
N THR C 178 16.24 -28.57 -18.15
CA THR C 178 15.58 -29.75 -17.57
C THR C 178 14.48 -30.17 -18.54
N VAL C 179 13.79 -31.27 -18.25
CA VAL C 179 12.76 -31.74 -19.18
C VAL C 179 11.33 -31.55 -18.73
N VAL C 180 11.06 -31.79 -17.47
CA VAL C 180 9.71 -31.65 -16.96
C VAL C 180 9.46 -30.19 -16.61
N GLU C 181 10.55 -29.44 -16.56
CA GLU C 181 10.55 -28.01 -16.27
C GLU C 181 9.18 -27.37 -16.07
N PRO C 182 8.31 -27.34 -17.11
CA PRO C 182 6.97 -26.73 -16.95
C PRO C 182 6.13 -27.38 -15.86
N TYR C 183 6.46 -28.63 -15.52
CA TYR C 183 5.79 -29.35 -14.47
C TYR C 183 6.24 -28.77 -13.15
N ASN C 184 7.53 -28.85 -12.88
CA ASN C 184 8.08 -28.28 -11.65
C ASN C 184 7.75 -26.79 -11.55
N ALA C 185 7.64 -26.12 -12.70
CA ALA C 185 7.36 -24.69 -12.72
C ALA C 185 5.92 -24.35 -12.44
N THR C 186 5.06 -24.65 -13.40
CA THR C 186 3.66 -24.35 -13.25
C THR C 186 3.21 -24.64 -11.81
N LEU C 187 3.72 -25.72 -11.25
CA LEU C 187 3.37 -26.09 -9.89
C LEU C 187 3.90 -25.17 -8.81
N SER C 188 5.04 -24.54 -9.04
CA SER C 188 5.59 -23.65 -8.05
C SER C 188 5.04 -22.23 -8.18
N VAL C 189 4.83 -21.76 -9.40
CA VAL C 189 4.29 -20.40 -9.62
C VAL C 189 2.94 -20.31 -8.90
N HIS C 190 2.20 -21.41 -9.01
CA HIS C 190 0.91 -21.59 -8.40
C HIS C 190 1.03 -21.16 -6.92
N GLN C 191 1.95 -21.84 -6.20
CA GLN C 191 2.23 -21.60 -4.76
C GLN C 191 2.67 -20.15 -4.50
N LEU C 192 3.38 -19.58 -5.47
CA LEU C 192 3.90 -18.22 -5.38
C LEU C 192 2.78 -17.17 -5.42
N VAL C 193 1.95 -17.23 -6.47
CA VAL C 193 0.82 -16.32 -6.69
C VAL C 193 -0.09 -16.31 -5.50
N GLU C 194 0.24 -17.12 -4.50
CA GLU C 194 -0.64 -17.22 -3.36
C GLU C 194 -0.01 -17.27 -1.98
N ASN C 195 1.22 -16.78 -1.88
CA ASN C 195 1.90 -16.74 -0.60
C ASN C 195 2.88 -15.56 -0.60
N THR C 196 4.02 -15.66 -1.28
CA THR C 196 4.96 -14.51 -1.31
C THR C 196 4.24 -13.29 -1.92
N ASP C 197 4.66 -12.07 -1.58
CA ASP C 197 4.00 -10.88 -2.12
C ASP C 197 4.88 -9.95 -2.93
N GLU C 198 6.03 -10.46 -3.37
CA GLU C 198 7.02 -9.76 -4.19
C GLU C 198 7.93 -10.83 -4.79
N THR C 199 7.86 -10.99 -6.11
CA THR C 199 8.68 -11.99 -6.78
C THR C 199 9.51 -11.37 -7.87
N TYR C 200 10.80 -11.67 -7.86
CA TYR C 200 11.71 -11.16 -8.89
C TYR C 200 12.23 -12.31 -9.77
N CYS C 201 11.58 -12.48 -10.92
CA CYS C 201 11.86 -13.53 -11.89
C CYS C 201 13.05 -13.25 -12.81
N ILE C 202 14.04 -14.13 -12.72
CA ILE C 202 15.26 -14.02 -13.51
C ILE C 202 15.33 -15.19 -14.49
N ASP C 203 15.91 -14.93 -15.67
CA ASP C 203 16.03 -15.94 -16.73
C ASP C 203 17.47 -16.19 -17.17
N ASN C 204 17.98 -17.37 -16.88
CA ASN C 204 19.34 -17.72 -17.24
C ASN C 204 19.76 -17.26 -18.63
N GLU C 205 18.83 -17.15 -19.56
CA GLU C 205 19.16 -16.71 -20.92
C GLU C 205 18.93 -15.21 -21.16
N ALA C 206 18.17 -14.59 -20.29
CA ALA C 206 17.95 -13.17 -20.41
C ALA C 206 19.25 -12.58 -19.89
N LEU C 207 19.88 -13.33 -19.00
CA LEU C 207 21.15 -12.96 -18.38
C LEU C 207 22.26 -13.14 -19.38
N TYR C 208 22.40 -14.33 -19.92
CA TYR C 208 23.43 -14.59 -20.89
C TYR C 208 23.44 -13.36 -21.79
N ASP C 209 22.37 -13.19 -22.54
CA ASP C 209 22.25 -12.06 -23.45
C ASP C 209 22.82 -10.83 -22.77
N ILE C 210 22.10 -10.33 -21.78
CA ILE C 210 22.50 -9.15 -21.04
C ILE C 210 23.93 -9.24 -20.49
N CYS C 211 24.49 -10.45 -20.52
CA CYS C 211 25.82 -10.67 -19.99
C CYS C 211 26.87 -10.92 -21.06
N PHE C 212 26.43 -11.20 -22.27
CA PHE C 212 27.33 -11.45 -23.38
C PHE C 212 27.32 -10.31 -24.40
N ARG C 213 26.36 -9.40 -24.29
CA ARG C 213 26.31 -8.27 -25.22
C ARG C 213 26.36 -6.94 -24.46
N THR C 214 25.99 -6.95 -23.19
CA THR C 214 26.01 -5.74 -22.38
C THR C 214 27.25 -5.76 -21.49
N LEU C 215 27.98 -6.86 -21.62
CA LEU C 215 29.25 -7.12 -20.96
C LEU C 215 29.83 -7.99 -22.05
N LYS C 216 30.73 -7.45 -22.85
CA LYS C 216 31.32 -8.21 -23.94
C LYS C 216 31.80 -9.59 -23.46
N LEU C 217 31.50 -9.92 -22.21
CA LEU C 217 31.87 -11.19 -21.60
C LEU C 217 31.59 -12.38 -22.54
N THR C 218 32.65 -13.06 -22.96
CA THR C 218 32.56 -14.19 -23.88
C THR C 218 32.29 -15.56 -23.23
N THR C 219 32.77 -15.74 -22.00
CA THR C 219 32.55 -17.00 -21.28
C THR C 219 31.78 -16.77 -19.98
N PRO C 220 30.49 -16.46 -20.09
CA PRO C 220 29.65 -16.21 -18.92
C PRO C 220 29.34 -17.46 -18.13
N THR C 221 30.22 -17.80 -17.21
CA THR C 221 30.00 -18.97 -16.38
C THR C 221 28.76 -18.73 -15.52
N TYR C 222 28.26 -19.77 -14.86
CA TYR C 222 27.09 -19.59 -14.00
C TYR C 222 27.45 -18.57 -12.94
N GLY C 223 28.57 -18.80 -12.26
CA GLY C 223 29.01 -17.90 -11.21
C GLY C 223 28.66 -16.46 -11.57
N ASP C 224 28.90 -16.13 -12.84
CA ASP C 224 28.62 -14.80 -13.33
C ASP C 224 27.14 -14.51 -13.22
N LEU C 225 26.34 -15.15 -14.05
CA LEU C 225 24.90 -14.95 -14.04
C LEU C 225 24.49 -14.69 -12.60
N ASN C 226 24.76 -15.68 -11.76
CA ASN C 226 24.44 -15.60 -10.34
C ASN C 226 24.89 -14.26 -9.80
N HIS C 227 26.17 -13.96 -10.03
CA HIS C 227 26.76 -12.72 -9.59
C HIS C 227 25.96 -11.49 -10.01
N LEU C 228 25.54 -11.46 -11.27
CA LEU C 228 24.75 -10.34 -11.77
C LEU C 228 23.44 -10.22 -11.01
N VAL C 229 22.77 -11.34 -10.88
CA VAL C 229 21.48 -11.41 -10.16
C VAL C 229 21.64 -10.84 -8.76
N SER C 230 22.55 -11.47 -8.03
CA SER C 230 22.86 -11.12 -6.63
C SER C 230 23.14 -9.62 -6.50
N ALA C 231 23.53 -9.03 -7.62
CA ALA C 231 23.85 -7.60 -7.68
C ALA C 231 22.57 -6.76 -7.54
N THR C 232 21.51 -7.30 -8.09
CA THR C 232 20.19 -6.65 -8.10
C THR C 232 19.48 -6.79 -6.75
N MET C 233 19.54 -7.99 -6.19
CA MET C 233 18.87 -8.28 -4.91
C MET C 233 19.55 -7.53 -3.76
N SER C 234 20.73 -7.00 -4.04
CA SER C 234 21.49 -6.22 -3.06
C SER C 234 21.04 -4.76 -3.10
N GLY C 235 20.73 -4.33 -4.32
CA GLY C 235 20.25 -2.97 -4.58
C GLY C 235 18.86 -2.79 -3.97
N VAL C 236 18.10 -3.86 -4.08
CA VAL C 236 16.72 -3.92 -3.56
C VAL C 236 16.73 -3.73 -2.04
N THR C 237 16.86 -4.86 -1.37
CA THR C 237 16.87 -4.94 0.09
C THR C 237 18.00 -4.09 0.68
N THR C 238 18.96 -4.80 1.23
CA THR C 238 20.16 -4.25 1.90
C THR C 238 20.32 -2.76 1.64
N CYS C 239 20.34 -2.42 0.36
CA CYS C 239 20.48 -1.03 -0.08
C CYS C 239 19.57 -0.12 0.71
N LEU C 240 18.27 -0.25 0.47
CA LEU C 240 17.29 0.60 1.14
C LEU C 240 17.40 0.63 2.64
N ARG C 241 18.17 -0.30 3.19
CA ARG C 241 18.38 -0.33 4.62
C ARG C 241 19.58 0.53 4.91
N PHE C 242 19.75 1.51 4.03
CA PHE C 242 20.81 2.49 4.11
C PHE C 242 20.07 3.83 4.12
N PRO C 243 20.79 4.92 4.42
CA PRO C 243 20.15 6.22 4.45
C PRO C 243 19.80 6.65 3.03
N GLY C 244 19.20 7.81 2.89
CA GLY C 244 18.84 8.30 1.57
C GLY C 244 17.97 9.54 1.66
N GLN C 245 18.04 10.40 0.65
CA GLN C 245 17.22 11.60 0.68
C GLN C 245 15.80 11.10 0.76
N LEU C 246 15.50 10.08 -0.05
CA LEU C 246 14.19 9.48 -0.10
C LEU C 246 14.35 7.96 -0.08
N ASN C 247 14.34 7.39 1.10
CA ASN C 247 14.50 5.94 1.18
C ASN C 247 13.20 5.22 1.34
N ALA C 248 13.20 3.98 0.91
CA ALA C 248 12.04 3.11 1.01
C ALA C 248 12.55 1.83 1.65
N ASP C 249 11.68 0.81 1.71
CA ASP C 249 12.04 -0.47 2.31
C ASP C 249 10.96 -1.47 1.91
N LEU C 250 11.37 -2.70 1.65
CA LEU C 250 10.48 -3.77 1.23
C LEU C 250 9.02 -3.37 1.13
N ARG C 251 8.45 -2.91 2.23
CA ARG C 251 7.06 -2.51 2.14
C ARG C 251 6.85 -1.40 1.13
N LYS C 252 7.45 -0.23 1.33
CA LYS C 252 7.27 0.86 0.35
C LYS C 252 7.26 0.18 -1.00
N LEU C 253 8.34 -0.55 -1.28
CA LEU C 253 8.50 -1.28 -2.54
C LEU C 253 7.26 -2.12 -2.80
N ALA C 254 6.77 -2.77 -1.77
CA ALA C 254 5.60 -3.59 -1.93
C ALA C 254 4.34 -2.72 -2.04
N VAL C 255 4.17 -1.81 -1.10
CA VAL C 255 3.00 -0.95 -1.09
C VAL C 255 2.94 0.09 -2.20
N ASN C 256 3.87 0.05 -3.14
CA ASN C 256 3.88 1.02 -4.24
C ASN C 256 3.90 0.25 -5.53
N MET C 257 4.15 -1.05 -5.41
CA MET C 257 4.27 -1.86 -6.60
C MET C 257 3.21 -2.88 -6.87
N VAL C 258 2.41 -3.18 -5.87
CA VAL C 258 1.38 -4.17 -6.10
C VAL C 258 -0.01 -3.58 -6.07
N PRO C 259 -0.57 -3.28 -7.25
CA PRO C 259 -1.90 -2.70 -7.28
C PRO C 259 -2.92 -3.77 -6.90
N PHE C 260 -2.70 -5.01 -7.34
CA PHE C 260 -3.69 -6.03 -7.02
C PHE C 260 -3.10 -7.33 -6.48
N PRO C 261 -3.46 -7.67 -5.23
CA PRO C 261 -3.11 -8.81 -4.38
C PRO C 261 -2.52 -10.09 -4.96
N ARG C 262 -2.62 -10.31 -6.26
CA ARG C 262 -2.05 -11.54 -6.82
C ARG C 262 -0.69 -11.78 -6.17
N LEU C 263 0.09 -10.71 -6.12
CA LEU C 263 1.44 -10.68 -5.57
C LEU C 263 2.26 -10.06 -6.68
N HIS C 264 1.90 -10.45 -7.88
CA HIS C 264 2.59 -9.93 -9.04
C HIS C 264 4.09 -10.11 -8.98
N PHE C 265 4.65 -10.33 -10.15
CA PHE C 265 6.05 -10.58 -10.27
C PHE C 265 6.66 -9.44 -11.03
N PHE C 266 7.89 -9.14 -10.67
CA PHE C 266 8.62 -8.03 -11.25
C PHE C 266 9.73 -8.53 -12.15
N MET C 267 10.59 -7.62 -12.56
CA MET C 267 11.70 -7.97 -13.41
C MET C 267 12.75 -6.97 -13.05
N PRO C 268 13.78 -7.42 -12.32
CA PRO C 268 14.87 -6.54 -11.90
C PRO C 268 15.88 -6.16 -13.00
N GLY C 269 16.45 -4.96 -12.86
CA GLY C 269 17.41 -4.45 -13.82
C GLY C 269 18.42 -3.59 -13.09
N PHE C 270 19.70 -3.83 -13.34
CA PHE C 270 20.75 -3.06 -12.68
C PHE C 270 21.09 -1.85 -13.54
N ALA C 271 21.77 -0.87 -12.94
CA ALA C 271 22.14 0.33 -13.68
C ALA C 271 23.46 0.29 -14.44
N PRO C 272 24.57 0.67 -13.78
CA PRO C 272 25.80 0.64 -14.57
C PRO C 272 26.13 -0.77 -15.00
N LEU C 273 25.85 -1.11 -16.24
CA LEU C 273 26.17 -2.44 -16.70
C LEU C 273 27.05 -2.29 -17.91
N THR C 274 28.28 -1.81 -17.68
CA THR C 274 29.24 -1.60 -18.75
C THR C 274 30.40 -2.58 -18.68
N SER C 275 30.93 -2.99 -19.83
CA SER C 275 32.06 -3.92 -19.89
C SER C 275 33.25 -3.33 -19.14
N ARG C 276 34.12 -4.17 -18.61
CA ARG C 276 35.25 -3.67 -17.82
C ARG C 276 36.06 -2.48 -18.36
N GLY C 277 37.28 -2.73 -18.82
CA GLY C 277 38.13 -1.67 -19.33
C GLY C 277 37.46 -0.56 -20.12
N SER C 278 37.54 -0.63 -21.43
CA SER C 278 36.95 0.32 -22.37
C SER C 278 35.69 1.01 -21.91
N GLN C 279 34.56 0.39 -22.19
CA GLN C 279 33.24 0.92 -21.85
C GLN C 279 33.18 1.88 -20.67
N GLN C 280 34.04 1.66 -19.65
CA GLN C 280 34.16 2.47 -18.43
C GLN C 280 34.11 3.93 -18.87
N TYR C 281 32.96 4.24 -19.45
CA TYR C 281 32.62 5.52 -20.01
C TYR C 281 32.21 6.50 -18.97
N ARG C 282 31.75 6.01 -17.83
CA ARG C 282 31.33 6.89 -16.75
C ARG C 282 30.10 7.67 -17.16
N ALA C 283 29.57 7.43 -18.36
CA ALA C 283 28.36 8.15 -18.75
C ALA C 283 27.36 7.59 -17.74
N LEU C 284 27.37 8.17 -16.55
CA LEU C 284 26.50 7.75 -15.48
C LEU C 284 25.95 8.99 -14.82
N THR C 285 25.92 10.12 -15.52
CA THR C 285 25.41 11.35 -14.89
C THR C 285 24.05 11.04 -14.26
N VAL C 286 23.21 10.28 -14.97
CA VAL C 286 21.89 9.84 -14.53
C VAL C 286 21.03 9.50 -15.74
N PRO C 287 20.94 10.43 -16.70
CA PRO C 287 20.12 10.08 -17.87
C PRO C 287 20.66 8.80 -18.43
N GLU C 288 21.89 8.49 -18.09
CA GLU C 288 22.52 7.29 -18.59
C GLU C 288 22.02 6.08 -17.87
N LEU C 289 21.68 6.22 -16.60
CA LEU C 289 21.15 5.09 -15.82
C LEU C 289 19.71 4.79 -16.23
N THR C 290 18.90 5.83 -16.40
CA THR C 290 17.52 5.59 -16.81
C THR C 290 17.57 5.12 -18.25
N GLN C 291 18.55 5.58 -19.01
CA GLN C 291 18.66 5.13 -20.37
C GLN C 291 18.75 3.62 -20.22
N GLN C 292 19.74 3.19 -19.46
CA GLN C 292 19.96 1.77 -19.21
C GLN C 292 18.65 1.13 -18.75
N MET C 293 18.49 1.03 -17.44
CA MET C 293 17.33 0.44 -16.78
C MET C 293 16.06 0.29 -17.62
N PHE C 294 15.64 1.36 -18.28
CA PHE C 294 14.41 1.31 -19.06
C PHE C 294 14.44 0.78 -20.48
N ASP C 295 15.55 0.22 -20.92
CA ASP C 295 15.60 -0.32 -22.28
C ASP C 295 15.07 -1.75 -22.21
N ALA C 296 14.83 -2.35 -23.37
CA ALA C 296 14.35 -3.72 -23.41
C ALA C 296 15.48 -4.53 -22.80
N LYS C 297 16.44 -4.91 -23.63
CA LYS C 297 17.57 -5.66 -23.12
C LYS C 297 17.97 -4.96 -21.84
N ASN C 298 18.43 -5.72 -20.87
CA ASN C 298 18.85 -5.23 -19.57
C ASN C 298 17.80 -5.55 -18.54
N MET C 299 16.73 -6.22 -18.97
CA MET C 299 15.69 -6.64 -18.05
C MET C 299 15.94 -8.13 -17.79
N MET C 300 16.44 -8.46 -16.60
CA MET C 300 16.75 -9.84 -16.27
C MET C 300 15.67 -10.82 -16.66
N ALA C 301 14.47 -10.31 -16.91
CA ALA C 301 13.35 -11.15 -17.32
C ALA C 301 13.60 -11.59 -18.76
N ALA C 302 12.76 -12.48 -19.26
CA ALA C 302 12.92 -12.96 -20.63
C ALA C 302 12.15 -12.03 -21.52
N CYS C 303 10.91 -11.76 -21.12
CA CYS C 303 10.06 -10.91 -21.90
C CYS C 303 10.62 -9.51 -21.99
N ASP C 304 10.12 -8.77 -22.98
CA ASP C 304 10.54 -7.40 -23.23
C ASP C 304 9.42 -6.42 -22.88
N PRO C 305 9.69 -5.50 -21.96
CA PRO C 305 8.75 -4.49 -21.51
C PRO C 305 8.01 -3.87 -22.68
N ARG C 306 8.75 -3.56 -23.73
CA ARG C 306 8.18 -2.94 -24.91
C ARG C 306 6.98 -3.74 -25.42
N HIS C 307 6.76 -4.91 -24.84
CA HIS C 307 5.65 -5.78 -25.25
C HIS C 307 4.47 -5.75 -24.29
N GLY C 308 4.40 -4.71 -23.46
CA GLY C 308 3.31 -4.62 -22.52
C GLY C 308 3.51 -3.54 -21.47
N ARG C 309 2.46 -2.74 -21.23
CA ARG C 309 2.50 -1.65 -20.25
C ARG C 309 3.12 -2.05 -18.92
N TYR C 310 3.30 -1.04 -18.08
CA TYR C 310 3.83 -1.25 -16.74
C TYR C 310 2.72 -0.83 -15.79
N LEU C 311 2.78 -1.32 -14.56
CA LEU C 311 1.79 -0.94 -13.57
C LEU C 311 2.56 -0.09 -12.60
N THR C 312 3.74 -0.55 -12.27
CA THR C 312 4.58 0.16 -11.34
C THR C 312 6.03 -0.04 -11.70
N VAL C 313 6.84 0.88 -11.23
CA VAL C 313 8.26 0.83 -11.47
C VAL C 313 8.90 1.43 -10.24
N ALA C 314 10.08 0.93 -9.90
CA ALA C 314 10.76 1.40 -8.72
C ALA C 314 12.23 1.54 -8.99
N ALA C 315 12.67 2.73 -9.34
CA ALA C 315 14.07 2.93 -9.60
C ALA C 315 14.68 3.16 -8.24
N VAL C 316 15.27 2.11 -7.69
CA VAL C 316 15.89 2.25 -6.39
C VAL C 316 17.37 2.63 -6.62
N PHE C 317 17.64 3.93 -6.80
CA PHE C 317 18.99 4.43 -7.02
C PHE C 317 19.74 4.41 -5.71
N ARG C 318 21.07 4.35 -5.78
CA ARG C 318 21.92 4.35 -4.58
C ARG C 318 23.28 4.95 -4.89
N GLY C 319 23.34 6.29 -4.89
CA GLY C 319 24.57 7.01 -5.17
C GLY C 319 24.19 8.48 -5.24
N ARG C 320 24.92 9.35 -4.56
CA ARG C 320 24.61 10.79 -4.53
C ARG C 320 24.21 11.44 -5.87
N MET C 321 22.97 11.92 -5.92
CA MET C 321 22.39 12.57 -7.09
C MET C 321 21.32 13.58 -6.71
N SER C 322 20.96 14.42 -7.66
CA SER C 322 19.96 15.47 -7.48
C SER C 322 18.53 14.99 -7.53
N MET C 323 17.84 15.15 -6.41
CA MET C 323 16.44 14.76 -6.31
C MET C 323 15.68 15.46 -7.40
N LYS C 324 16.39 16.30 -8.15
CA LYS C 324 15.80 17.03 -9.25
C LYS C 324 16.10 16.28 -10.54
N GLU C 325 17.37 15.97 -10.80
CA GLU C 325 17.71 15.26 -12.03
C GLU C 325 17.22 13.81 -11.99
N VAL C 326 16.71 13.41 -10.83
CA VAL C 326 16.18 12.07 -10.66
C VAL C 326 14.70 12.19 -10.87
N ASP C 327 14.06 12.94 -9.99
CA ASP C 327 12.63 13.15 -10.09
C ASP C 327 12.24 13.63 -11.47
N GLU C 328 13.12 14.42 -12.09
CA GLU C 328 12.84 14.94 -13.43
C GLU C 328 12.87 13.87 -14.52
N GLN C 329 14.06 13.30 -14.73
CA GLN C 329 14.25 12.27 -15.74
C GLN C 329 13.05 11.34 -15.78
N MET C 330 12.76 10.73 -14.64
CA MET C 330 11.64 9.79 -14.48
C MET C 330 10.41 10.25 -15.24
N LEU C 331 10.19 11.55 -15.26
CA LEU C 331 9.05 12.13 -15.94
C LEU C 331 9.10 11.99 -17.46
N ASN C 332 10.08 12.62 -18.09
CA ASN C 332 10.21 12.53 -19.53
C ASN C 332 10.03 11.08 -19.89
N VAL C 333 10.72 10.21 -19.14
CA VAL C 333 10.61 8.78 -19.38
C VAL C 333 9.16 8.37 -19.38
N GLN C 334 8.39 8.92 -18.45
CA GLN C 334 6.96 8.60 -18.35
C GLN C 334 6.14 9.21 -19.45
N ASN C 335 6.71 10.17 -20.16
CA ASN C 335 5.98 10.82 -21.25
C ASN C 335 6.44 10.37 -22.64
N LYS C 336 7.72 10.04 -22.79
CA LYS C 336 8.22 9.57 -24.07
C LYS C 336 7.59 8.21 -24.36
N ASN C 337 7.21 7.51 -23.29
CA ASN C 337 6.64 6.18 -23.42
C ASN C 337 5.25 6.06 -22.82
N SER C 338 4.49 7.15 -22.85
CA SER C 338 3.13 7.16 -22.32
C SER C 338 2.41 5.91 -22.84
N SER C 339 2.74 5.56 -24.08
CA SER C 339 2.17 4.41 -24.75
C SER C 339 2.15 3.25 -23.76
N TYR C 340 3.32 2.74 -23.42
CA TYR C 340 3.39 1.64 -22.48
C TYR C 340 3.87 2.07 -21.11
N PHE C 341 2.89 2.23 -20.22
CA PHE C 341 3.14 2.66 -18.86
C PHE C 341 1.84 2.73 -18.11
N VAL C 342 0.77 2.21 -18.73
CA VAL C 342 -0.59 2.19 -18.15
C VAL C 342 -0.98 3.60 -17.70
N GLU C 343 -2.25 3.93 -17.80
CA GLU C 343 -2.68 5.28 -17.46
C GLU C 343 -3.35 5.50 -16.12
N TRP C 344 -4.21 4.56 -15.71
CA TRP C 344 -4.92 4.73 -14.45
C TRP C 344 -4.05 4.87 -13.22
N ILE C 345 -2.78 5.18 -13.44
CA ILE C 345 -1.83 5.43 -12.36
C ILE C 345 -1.09 6.66 -12.85
N PRO C 346 -1.47 7.82 -12.34
CA PRO C 346 -0.80 9.05 -12.75
C PRO C 346 0.73 9.01 -12.68
N ASN C 347 1.27 8.41 -11.61
CA ASN C 347 2.72 8.31 -11.48
C ASN C 347 3.15 6.89 -11.17
N ASN C 348 3.23 6.07 -12.22
CA ASN C 348 3.61 4.67 -12.08
C ASN C 348 4.90 4.54 -11.31
N VAL C 349 5.88 5.31 -11.73
CA VAL C 349 7.19 5.26 -11.14
C VAL C 349 7.27 5.60 -9.66
N LYS C 350 8.10 4.84 -8.96
CA LYS C 350 8.34 5.02 -7.53
C LYS C 350 9.82 5.30 -7.43
N THR C 351 10.18 6.58 -7.39
CA THR C 351 11.56 6.96 -7.28
C THR C 351 12.01 6.72 -5.85
N ALA C 352 13.16 6.08 -5.72
CA ALA C 352 13.73 5.77 -4.44
C ALA C 352 15.15 6.25 -4.53
N VAL C 353 15.71 6.73 -3.43
CA VAL C 353 17.09 7.23 -3.48
C VAL C 353 17.93 7.06 -2.22
N CYS C 354 18.83 6.09 -2.30
CA CYS C 354 19.76 5.81 -1.22
C CYS C 354 20.85 6.87 -1.33
N ASP C 355 21.94 6.67 -0.62
CA ASP C 355 23.07 7.59 -0.68
C ASP C 355 24.30 6.81 -1.10
N ILE C 356 24.85 6.03 -0.17
CA ILE C 356 26.03 5.24 -0.49
C ILE C 356 25.73 4.29 -1.64
N PRO C 357 26.63 4.24 -2.63
CA PRO C 357 26.47 3.38 -3.81
C PRO C 357 27.16 2.02 -3.68
N PRO C 358 27.11 1.21 -4.74
CA PRO C 358 27.75 -0.10 -4.68
C PRO C 358 29.24 0.09 -4.47
N ARG C 359 29.71 -0.32 -3.29
CA ARG C 359 31.11 -0.19 -2.89
C ARG C 359 32.02 0.51 -3.89
N GLY C 360 32.43 -0.19 -4.95
CA GLY C 360 33.35 0.41 -5.90
C GLY C 360 32.84 1.33 -7.00
N LEU C 361 31.53 1.54 -7.05
CA LEU C 361 30.95 2.37 -8.10
C LEU C 361 30.54 3.76 -7.61
N LYS C 362 30.36 4.68 -8.55
CA LYS C 362 29.96 6.05 -8.23
C LYS C 362 28.45 6.24 -8.16
N MET C 363 27.73 5.58 -9.07
CA MET C 363 26.29 5.71 -9.11
C MET C 363 25.62 4.54 -9.81
N SER C 364 24.63 3.96 -9.12
CA SER C 364 23.85 2.82 -9.62
C SER C 364 22.38 3.04 -9.31
N ALA C 365 21.54 2.12 -9.78
CA ALA C 365 20.09 2.20 -9.56
C ALA C 365 19.37 0.92 -9.96
N THR C 366 18.90 0.20 -8.95
CA THR C 366 18.19 -1.03 -9.19
C THR C 366 16.81 -0.70 -9.74
N PHE C 367 16.34 -1.53 -10.66
CA PHE C 367 15.05 -1.35 -11.28
C PHE C 367 14.17 -2.54 -10.98
N ILE C 368 12.98 -2.28 -10.49
CA ILE C 368 12.06 -3.33 -10.15
C ILE C 368 10.78 -3.03 -10.88
N GLY C 369 10.62 -3.63 -12.06
CA GLY C 369 9.44 -3.37 -12.85
C GLY C 369 8.29 -4.34 -12.74
N ASN C 370 7.09 -3.81 -12.61
CA ASN C 370 5.89 -4.64 -12.52
C ASN C 370 5.13 -4.54 -13.82
N SER C 371 5.76 -4.91 -14.93
CA SER C 371 5.07 -4.79 -16.20
C SER C 371 4.19 -5.96 -16.56
N THR C 372 3.16 -5.64 -17.33
CA THR C 372 2.16 -6.56 -17.81
C THR C 372 2.78 -7.46 -18.85
N ALA C 373 4.02 -7.15 -19.21
CA ALA C 373 4.71 -7.93 -20.21
C ALA C 373 4.96 -9.35 -19.73
N ILE C 374 5.16 -9.51 -18.43
CA ILE C 374 5.45 -10.84 -17.90
C ILE C 374 4.30 -11.77 -18.13
N GLN C 375 3.29 -11.30 -18.83
CA GLN C 375 2.15 -12.14 -19.18
C GLN C 375 2.74 -13.16 -20.16
N GLU C 376 3.44 -12.64 -21.15
CA GLU C 376 4.08 -13.46 -22.16
C GLU C 376 5.19 -14.35 -21.66
N LEU C 377 5.07 -14.87 -20.45
CA LEU C 377 6.09 -15.79 -19.94
C LEU C 377 5.36 -16.91 -19.26
N PHE C 378 4.37 -16.55 -18.47
CA PHE C 378 3.57 -17.54 -17.78
C PHE C 378 2.79 -18.20 -18.89
N LYS C 379 2.61 -17.48 -19.99
CA LYS C 379 1.93 -18.04 -21.15
C LYS C 379 2.81 -19.18 -21.57
N ARG C 380 4.04 -18.83 -21.91
CA ARG C 380 5.04 -19.79 -22.32
C ARG C 380 4.94 -21.02 -21.44
N ILE C 381 5.36 -20.86 -20.20
CA ILE C 381 5.31 -21.94 -19.23
C ILE C 381 4.01 -22.71 -19.39
N SER C 382 2.90 -22.03 -19.17
CA SER C 382 1.59 -22.66 -19.24
C SER C 382 1.41 -23.45 -20.54
N GLU C 383 1.94 -22.94 -21.64
CA GLU C 383 1.83 -23.69 -22.90
C GLU C 383 2.54 -25.03 -22.75
N GLN C 384 3.86 -24.98 -22.55
CA GLN C 384 4.69 -26.17 -22.40
C GLN C 384 3.99 -27.25 -21.59
N PHE C 385 3.28 -26.82 -20.54
CA PHE C 385 2.57 -27.74 -19.68
C PHE C 385 1.58 -28.52 -20.54
N THR C 386 0.48 -27.87 -20.86
CA THR C 386 -0.57 -28.47 -21.68
C THR C 386 -0.06 -29.37 -22.81
N ALA C 387 0.87 -28.87 -23.62
CA ALA C 387 1.42 -29.65 -24.74
C ALA C 387 1.93 -31.00 -24.29
N MET C 388 2.36 -31.06 -23.03
CA MET C 388 2.89 -32.30 -22.47
C MET C 388 1.96 -32.92 -21.45
N PHE C 389 1.18 -32.08 -20.81
CA PHE C 389 0.25 -32.61 -19.85
C PHE C 389 -0.68 -33.46 -20.68
N ARG C 390 -1.24 -32.86 -21.72
CA ARG C 390 -2.16 -33.58 -22.58
C ARG C 390 -1.81 -35.06 -22.69
N ARG C 391 -0.53 -35.38 -22.80
CA ARG C 391 -0.11 -36.78 -22.93
C ARG C 391 0.43 -37.36 -21.62
N LYS C 392 0.29 -36.60 -20.54
CA LYS C 392 0.73 -37.03 -19.20
C LYS C 392 2.20 -37.44 -19.19
N ALA C 393 2.95 -36.90 -20.14
CA ALA C 393 4.37 -37.17 -20.33
C ALA C 393 5.05 -37.82 -19.15
N PHE C 394 5.89 -37.08 -18.43
CA PHE C 394 6.56 -37.70 -17.28
C PHE C 394 5.72 -37.49 -16.04
N LEU C 395 4.45 -37.89 -16.12
CA LEU C 395 3.58 -37.71 -15.01
C LEU C 395 3.71 -38.82 -13.98
N HIS C 396 4.03 -40.04 -14.41
CA HIS C 396 4.15 -41.13 -13.46
C HIS C 396 5.16 -40.88 -12.33
N TRP C 397 6.13 -40.00 -12.58
CA TRP C 397 7.14 -39.67 -11.59
C TRP C 397 6.56 -38.75 -10.54
N TYR C 398 5.39 -38.19 -10.82
CA TYR C 398 4.74 -37.32 -9.87
C TYR C 398 3.73 -38.15 -9.10
N THR C 399 2.72 -38.64 -9.81
CA THR C 399 1.68 -39.46 -9.19
C THR C 399 2.31 -40.58 -8.36
N GLY C 400 3.22 -41.34 -8.98
CA GLY C 400 3.89 -42.43 -8.29
C GLY C 400 4.54 -41.98 -7.00
N GLU C 401 4.55 -40.66 -6.80
CA GLU C 401 5.12 -40.08 -5.60
C GLU C 401 4.01 -39.55 -4.72
N GLY C 402 2.80 -40.02 -4.96
CA GLY C 402 1.69 -39.55 -4.18
C GLY C 402 1.37 -38.13 -4.60
N MET C 403 0.69 -38.01 -5.73
CA MET C 403 0.30 -36.71 -6.26
C MET C 403 -1.14 -36.90 -6.70
N ASP C 404 -1.65 -35.94 -7.46
CA ASP C 404 -3.03 -36.00 -7.93
C ASP C 404 -3.13 -35.51 -9.38
N GLU C 405 -4.06 -36.09 -10.13
CA GLU C 405 -4.27 -35.71 -11.52
C GLU C 405 -5.01 -34.38 -11.55
N MET C 406 -5.56 -34.02 -10.39
CA MET C 406 -6.30 -32.78 -10.24
C MET C 406 -5.36 -31.67 -9.71
N GLU C 407 -4.21 -32.08 -9.18
CA GLU C 407 -3.22 -31.15 -8.66
C GLU C 407 -2.61 -30.34 -9.82
N PHE C 408 -2.19 -31.05 -10.86
CA PHE C 408 -1.62 -30.41 -12.02
C PHE C 408 -2.66 -29.54 -12.67
N THR C 409 -3.90 -30.05 -12.73
CA THR C 409 -4.97 -29.28 -13.34
C THR C 409 -5.04 -27.95 -12.62
N GLU C 410 -5.17 -28.03 -11.31
CA GLU C 410 -5.23 -26.89 -10.44
C GLU C 410 -4.22 -25.81 -10.79
N ALA C 411 -2.96 -26.11 -10.56
CA ALA C 411 -1.88 -25.19 -10.83
C ALA C 411 -1.98 -24.52 -12.19
N GLU C 412 -1.94 -25.31 -13.25
CA GLU C 412 -2.01 -24.73 -14.58
C GLU C 412 -3.10 -23.68 -14.63
N SER C 413 -4.33 -24.11 -14.37
CA SER C 413 -5.45 -23.20 -14.39
C SER C 413 -5.08 -21.95 -13.63
N ASN C 414 -4.92 -22.08 -12.31
CA ASN C 414 -4.53 -20.98 -11.45
C ASN C 414 -3.54 -20.09 -12.17
N MET C 415 -2.30 -20.57 -12.30
CA MET C 415 -1.27 -19.81 -12.96
C MET C 415 -1.69 -19.37 -14.35
N ASN C 416 -2.56 -20.16 -14.98
CA ASN C 416 -3.06 -19.84 -16.32
C ASN C 416 -4.00 -18.63 -16.26
N ASP C 417 -4.83 -18.60 -15.23
CA ASP C 417 -5.75 -17.48 -15.02
C ASP C 417 -4.91 -16.26 -14.74
N LEU C 418 -3.85 -16.47 -13.97
CA LEU C 418 -2.92 -15.42 -13.59
C LEU C 418 -2.45 -14.63 -14.81
N VAL C 419 -2.39 -15.31 -15.95
CA VAL C 419 -1.99 -14.71 -17.22
C VAL C 419 -3.12 -13.80 -17.64
N SER C 420 -4.32 -14.36 -17.60
CA SER C 420 -5.52 -13.64 -17.95
C SER C 420 -5.53 -12.25 -17.31
N GLU C 421 -5.71 -12.28 -16.00
CA GLU C 421 -5.79 -11.07 -15.17
C GLU C 421 -4.81 -9.99 -15.63
N TYR C 422 -3.55 -10.35 -15.64
CA TYR C 422 -2.44 -9.43 -15.98
C TYR C 422 -2.73 -8.65 -17.27
N GLN C 423 -3.56 -9.22 -18.12
CA GLN C 423 -3.93 -8.59 -19.39
C GLN C 423 -5.01 -7.53 -19.17
N GLN C 424 -5.75 -7.74 -18.11
CA GLN C 424 -6.87 -6.87 -17.71
C GLN C 424 -6.41 -5.42 -17.50
N TYR C 425 -5.10 -5.24 -17.50
CA TYR C 425 -4.51 -3.92 -17.25
C TYR C 425 -3.73 -3.45 -18.49
N GLN C 426 -3.20 -4.40 -19.22
CA GLN C 426 -2.51 -4.09 -20.49
C GLN C 426 -3.54 -3.41 -21.39
N ASP C 427 -4.81 -3.54 -20.98
CA ASP C 427 -5.95 -2.96 -21.70
C ASP C 427 -6.78 -2.05 -20.79
#